data_6OW0
#
_entry.id   6OW0
#
_cell.length_a   124.679
_cell.length_b   124.679
_cell.length_c   107.359
_cell.angle_alpha   90.00
_cell.angle_beta   90.00
_cell.angle_gamma   90.00
#
_symmetry.space_group_name_H-M   'P 4 2 2'
#
loop_
_entity.id
_entity.type
_entity.pdbx_description
1 polymer MtmW
2 non-polymer DI(HYDROXYETHYL)ETHER
3 non-polymer 'NADP NICOTINAMIDE-ADENINE-DINUCLEOTIDE PHOSPHATE'
4 non-polymer GLYCEROL
5 water water
#
_entity_poly.entity_id   1
_entity_poly.type   'polypeptide(L)'
_entity_poly.pdbx_seq_one_letter_code
;MEFRSLGRSGLSVSEIVYGNLLYPQDDTPDEVVLSSIRAALDAGVTTFDTADVYGMFRSESLLGRALAGTPREELVLCTK
VGMPTGFGPNGRGLSRKHVMESVDGSLRRLRVDHIDVYTAHRYDPATPLEELMWTFSDLVRAGKILYVGMSEWPVERIAE
AAGIGARLGVPVICHMPRYSMLWRAPEAEVIPACRDLGIGQICYFTLEQGVLTGKYAPGAPPPAGSRATAPKGGRAPLMR
RWLDDDKVLGRVERLRPLAEEAGLTTAQLALAWVLQNPGVSGAVIGSFNAEQVLANAESAGVRLETDLLVRIDEVLGDSV
VHDEELEHHHHHH
;
_entity_poly.pdbx_strand_id   A,B
#
loop_
_chem_comp.id
_chem_comp.type
_chem_comp.name
_chem_comp.formula
GOL non-polymer GLYCEROL 'C3 H8 O3'
NAP non-polymer 'NADP NICOTINAMIDE-ADENINE-DINUCLEOTIDE PHOSPHATE' 'C21 H28 N7 O17 P3'
PEG non-polymer DI(HYDROXYETHYL)ETHER 'C4 H10 O3'
#
# COMPACT_ATOMS: atom_id res chain seq x y z
N MET A 1 27.21 -17.31 17.82
CA MET A 1 26.26 -16.17 17.80
C MET A 1 26.89 -14.99 18.52
N GLU A 2 26.66 -13.77 18.03
CA GLU A 2 27.02 -12.52 18.73
C GLU A 2 25.76 -11.89 19.34
N PHE A 3 25.92 -11.18 20.45
CA PHE A 3 24.83 -10.57 21.24
C PHE A 3 25.03 -9.06 21.31
N ARG A 4 23.92 -8.33 21.45
CA ARG A 4 23.92 -6.86 21.64
C ARG A 4 22.95 -6.49 22.75
N SER A 5 23.14 -5.30 23.29
CA SER A 5 22.21 -4.64 24.23
C SER A 5 20.98 -4.25 23.44
N LEU A 6 19.80 -4.53 23.98
CA LEU A 6 18.54 -3.95 23.49
C LEU A 6 18.40 -2.60 24.21
N GLY A 7 18.89 -1.53 23.59
CA GLY A 7 18.81 -0.16 24.13
C GLY A 7 19.79 0.08 25.26
N ARG A 8 19.49 1.05 26.14
CA ARG A 8 20.15 1.22 27.47
C ARG A 8 19.37 0.35 28.47
N SER A 9 19.73 -0.93 28.50
CA SER A 9 19.12 -1.97 29.37
C SER A 9 20.17 -3.06 29.64
N GLY A 10 19.87 -3.95 30.58
CA GLY A 10 20.71 -5.12 30.89
C GLY A 10 20.36 -6.30 30.02
N LEU A 11 19.35 -6.19 29.17
CA LEU A 11 18.91 -7.31 28.31
C LEU A 11 19.83 -7.40 27.10
N SER A 12 20.45 -8.55 26.87
CA SER A 12 21.17 -8.89 25.61
C SER A 12 20.24 -9.71 24.70
N VAL A 13 20.18 -9.37 23.42
CA VAL A 13 19.50 -10.19 22.38
C VAL A 13 20.57 -10.72 21.44
N SER A 14 20.34 -11.87 20.81
CA SER A 14 21.17 -12.35 19.67
C SER A 14 21.05 -11.37 18.49
N GLU A 15 22.13 -11.19 17.72
CA GLU A 15 22.19 -10.26 16.55
C GLU A 15 21.23 -10.79 15.47
N ILE A 16 20.99 -12.11 15.48
CA ILE A 16 20.00 -12.78 14.60
C ILE A 16 18.82 -13.24 15.47
N VAL A 17 17.65 -12.66 15.22
CA VAL A 17 16.35 -12.94 15.87
C VAL A 17 15.53 -13.81 14.91
N TYR A 18 14.89 -14.88 15.38
CA TYR A 18 13.97 -15.72 14.57
C TYR A 18 12.52 -15.23 14.74
N GLY A 19 11.88 -14.87 13.64
CA GLY A 19 10.43 -14.60 13.57
C GLY A 19 9.70 -15.75 12.92
N ASN A 20 8.46 -16.05 13.34
CA ASN A 20 7.70 -17.22 12.84
C ASN A 20 6.29 -16.78 12.42
N LEU A 21 6.16 -15.62 11.78
CA LEU A 21 4.86 -15.12 11.26
C LEU A 21 4.22 -16.20 10.38
N LEU A 22 2.92 -16.44 10.61
CA LEU A 22 2.05 -17.33 9.80
C LEU A 22 0.79 -16.54 9.41
N TYR A 23 0.09 -16.98 8.36
CA TYR A 23 -1.20 -16.40 7.92
C TYR A 23 -2.36 -17.16 8.58
N PRO A 24 -3.51 -16.49 8.85
CA PRO A 24 -4.60 -17.06 9.63
C PRO A 24 -5.10 -18.39 9.05
N GLN A 25 -5.12 -18.50 7.72
CA GLN A 25 -5.29 -19.78 6.99
C GLN A 25 -4.01 -20.04 6.19
N ASP A 26 -3.09 -20.83 6.78
CA ASP A 26 -1.73 -21.10 6.24
C ASP A 26 -1.56 -22.60 6.03
N ASP A 27 -0.89 -22.97 4.94
CA ASP A 27 -0.73 -24.39 4.53
C ASP A 27 0.57 -24.97 5.10
N THR A 28 1.44 -24.17 5.74
CA THR A 28 2.74 -24.67 6.29
C THR A 28 2.45 -25.66 7.42
N PRO A 29 2.89 -26.93 7.31
CA PRO A 29 2.68 -27.91 8.38
C PRO A 29 3.42 -27.48 9.66
N ASP A 30 2.85 -27.81 10.83
CA ASP A 30 3.47 -27.54 12.16
C ASP A 30 4.85 -28.19 12.24
N GLU A 31 5.01 -29.42 11.74
CA GLU A 31 6.28 -30.18 11.83
C GLU A 31 7.42 -29.36 11.19
N VAL A 32 7.13 -28.65 10.09
CA VAL A 32 8.09 -27.77 9.36
C VAL A 32 8.40 -26.51 10.22
N VAL A 33 7.39 -25.94 10.88
CA VAL A 33 7.55 -24.76 11.78
C VAL A 33 8.45 -25.13 12.97
N LEU A 34 8.20 -26.27 13.60
CA LEU A 34 8.93 -26.73 14.80
C LEU A 34 10.40 -27.01 14.48
N SER A 35 10.71 -27.54 13.30
CA SER A 35 12.09 -27.92 12.90
C SER A 35 12.90 -26.66 12.55
N SER A 36 12.25 -25.61 12.03
CA SER A 36 12.87 -24.30 11.76
C SER A 36 13.29 -23.62 13.06
N ILE A 37 12.39 -23.55 14.05
CA ILE A 37 12.69 -23.02 15.41
C ILE A 37 13.82 -23.85 16.03
N ARG A 38 13.80 -25.16 15.83
CA ARG A 38 14.86 -26.09 16.33
C ARG A 38 16.20 -25.75 15.67
N ALA A 39 16.17 -25.35 14.39
CA ALA A 39 17.37 -25.01 13.61
C ALA A 39 17.92 -23.68 14.11
N ALA A 40 17.04 -22.75 14.47
CA ALA A 40 17.41 -21.44 15.03
C ALA A 40 18.20 -21.64 16.34
N LEU A 41 17.70 -22.48 17.25
CA LEU A 41 18.38 -22.80 18.54
C LEU A 41 19.78 -23.40 18.26
N ASP A 42 19.88 -24.35 17.33
CA ASP A 42 21.14 -25.02 16.91
C ASP A 42 22.13 -23.97 16.38
N ALA A 43 21.66 -22.94 15.71
CA ALA A 43 22.50 -21.83 15.19
C ALA A 43 22.85 -20.82 16.30
N GLY A 44 22.36 -21.03 17.54
CA GLY A 44 22.67 -20.17 18.70
C GLY A 44 21.72 -18.99 18.89
N VAL A 45 20.68 -18.85 18.05
CA VAL A 45 19.61 -17.83 18.22
C VAL A 45 18.98 -17.99 19.62
N THR A 46 18.93 -16.91 20.40
CA THR A 46 18.29 -16.84 21.74
C THR A 46 16.98 -16.05 21.68
N THR A 47 16.78 -15.26 20.65
CA THR A 47 15.73 -14.22 20.63
C THR A 47 14.69 -14.66 19.60
N PHE A 48 13.42 -14.66 19.99
CA PHE A 48 12.29 -15.14 19.15
C PHE A 48 11.24 -14.06 19.13
N ASP A 49 10.72 -13.76 17.93
CA ASP A 49 9.72 -12.69 17.66
C ASP A 49 8.44 -13.31 17.13
N THR A 50 7.31 -12.96 17.73
CA THR A 50 5.98 -13.50 17.37
C THR A 50 4.93 -12.45 17.68
N ALA A 51 3.66 -12.84 17.69
CA ALA A 51 2.49 -11.96 17.95
C ALA A 51 1.26 -12.83 18.23
N ASP A 52 0.36 -12.34 19.08
CA ASP A 52 -0.97 -12.99 19.30
C ASP A 52 -1.60 -13.27 17.94
N VAL A 53 -1.60 -12.27 17.04
CA VAL A 53 -2.35 -12.27 15.75
C VAL A 53 -1.73 -13.27 14.74
N TYR A 54 -0.41 -13.54 14.82
CA TYR A 54 0.30 -14.42 13.84
C TYR A 54 -0.35 -15.80 13.92
N GLY A 55 -0.84 -16.29 12.79
CA GLY A 55 -1.49 -17.61 12.65
C GLY A 55 -2.80 -17.68 13.40
N MET A 56 -3.27 -16.54 13.92
CA MET A 56 -4.35 -16.43 14.93
C MET A 56 -4.08 -17.39 16.09
N PHE A 57 -3.02 -17.09 16.87
CA PHE A 57 -2.59 -17.81 18.09
C PHE A 57 -1.73 -19.04 17.78
N ARG A 58 -1.66 -19.46 16.52
CA ARG A 58 -0.95 -20.71 16.14
C ARG A 58 0.58 -20.48 16.24
N SER A 59 1.04 -19.32 15.80
CA SER A 59 2.47 -18.93 15.78
C SER A 59 3.06 -18.98 17.20
N GLU A 60 2.35 -18.41 18.19
CA GLU A 60 2.76 -18.40 19.63
C GLU A 60 2.71 -19.81 20.23
N SER A 61 1.69 -20.61 19.88
CA SER A 61 1.49 -21.99 20.37
C SER A 61 2.65 -22.89 19.90
N LEU A 62 2.99 -22.84 18.63
CA LEU A 62 4.11 -23.64 18.06
C LEU A 62 5.43 -23.24 18.72
N LEU A 63 5.65 -21.93 18.88
CA LEU A 63 6.89 -21.39 19.51
C LEU A 63 6.97 -21.89 20.95
N GLY A 64 5.87 -21.73 21.69
CA GLY A 64 5.75 -22.27 23.06
C GLY A 64 6.19 -23.73 23.13
N ARG A 65 5.74 -24.56 22.18
CA ARG A 65 6.00 -26.01 22.14
C ARG A 65 7.46 -26.29 21.76
N ALA A 66 7.99 -25.58 20.75
CA ALA A 66 9.36 -25.76 20.24
C ALA A 66 10.38 -25.45 21.35
N LEU A 67 10.10 -24.43 22.18
CA LEU A 67 11.04 -23.88 23.19
C LEU A 67 10.85 -24.53 24.56
N ALA A 68 9.78 -25.30 24.76
CA ALA A 68 9.58 -26.07 26.01
C ALA A 68 10.86 -26.87 26.29
N GLY A 69 11.40 -26.78 27.49
CA GLY A 69 12.65 -27.50 27.83
C GLY A 69 13.88 -26.60 27.77
N THR A 70 13.93 -25.65 26.84
CA THR A 70 15.03 -24.66 26.83
C THR A 70 14.96 -23.90 28.16
N PRO A 71 16.07 -23.81 28.95
CA PRO A 71 16.09 -22.99 30.16
C PRO A 71 15.68 -21.54 29.86
N ARG A 72 14.89 -20.93 30.76
CA ARG A 72 14.25 -19.61 30.56
C ARG A 72 15.31 -18.52 30.43
N GLU A 73 16.42 -18.65 31.16
CA GLU A 73 17.51 -17.63 31.20
C GLU A 73 18.14 -17.51 29.80
N GLU A 74 18.04 -18.57 28.99
CA GLU A 74 18.69 -18.68 27.66
C GLU A 74 17.82 -18.10 26.53
N LEU A 75 16.57 -17.71 26.81
CA LEU A 75 15.61 -17.21 25.77
C LEU A 75 15.22 -15.76 26.04
N VAL A 76 15.01 -15.01 24.97
CA VAL A 76 14.30 -13.70 25.00
C VAL A 76 13.04 -13.87 24.14
N LEU A 77 11.85 -13.87 24.76
CA LEU A 77 10.58 -14.00 24.03
C LEU A 77 10.02 -12.60 23.80
N CYS A 78 9.93 -12.20 22.53
CA CYS A 78 9.28 -10.95 22.07
C CYS A 78 7.93 -11.29 21.43
N THR A 79 6.83 -10.75 21.97
CA THR A 79 5.48 -10.88 21.37
C THR A 79 4.85 -9.48 21.26
N LYS A 80 3.71 -9.38 20.61
CA LYS A 80 3.08 -8.08 20.28
C LYS A 80 1.62 -8.13 20.68
N VAL A 81 1.05 -6.96 20.96
CA VAL A 81 -0.39 -6.76 21.22
C VAL A 81 -0.82 -5.52 20.44
N GLY A 82 -2.02 -5.51 19.86
CA GLY A 82 -2.57 -4.34 19.17
C GLY A 82 -3.40 -4.70 17.95
N MET A 83 -3.03 -5.75 17.22
CA MET A 83 -3.77 -6.18 16.00
C MET A 83 -5.02 -6.93 16.44
N PRO A 84 -6.09 -6.94 15.61
CA PRO A 84 -7.34 -7.60 15.99
C PRO A 84 -7.16 -9.10 16.27
N THR A 85 -7.56 -9.53 17.47
CA THR A 85 -7.62 -10.97 17.85
C THR A 85 -9.01 -11.37 18.33
N GLY A 86 -9.89 -10.39 18.58
CA GLY A 86 -11.27 -10.63 19.04
C GLY A 86 -12.25 -9.92 18.14
N PHE A 87 -13.52 -10.27 18.23
CA PHE A 87 -14.62 -9.58 17.51
C PHE A 87 -14.93 -8.30 18.29
N GLY A 88 -15.39 -7.27 17.56
CA GLY A 88 -15.86 -5.99 18.14
C GLY A 88 -14.72 -5.01 18.36
N PRO A 89 -15.03 -3.77 18.81
CA PRO A 89 -14.05 -2.68 18.86
C PRO A 89 -13.08 -2.71 20.06
N ASN A 90 -13.31 -3.58 21.04
CA ASN A 90 -12.41 -3.74 22.21
C ASN A 90 -11.51 -4.97 22.01
N GLY A 91 -11.68 -5.69 20.88
CA GLY A 91 -10.90 -6.89 20.51
C GLY A 91 -9.61 -6.56 19.76
N ARG A 92 -9.17 -5.31 19.83
CA ARG A 92 -8.01 -4.73 19.09
C ARG A 92 -7.52 -3.49 19.85
N GLY A 93 -6.39 -2.93 19.42
CA GLY A 93 -5.86 -1.64 19.90
C GLY A 93 -5.12 -1.78 21.22
N LEU A 94 -4.86 -0.67 21.90
CA LEU A 94 -3.92 -0.62 23.05
C LEU A 94 -4.64 -0.11 24.30
N SER A 95 -5.96 -0.24 24.37
CA SER A 95 -6.73 0.08 25.59
C SER A 95 -6.25 -0.82 26.73
N ARG A 96 -6.31 -0.33 27.96
CA ARG A 96 -6.14 -1.14 29.20
C ARG A 96 -6.91 -2.45 29.03
N LYS A 97 -8.14 -2.38 28.53
CA LYS A 97 -9.02 -3.57 28.41
C LYS A 97 -8.35 -4.61 27.52
N HIS A 98 -7.99 -4.24 26.29
CA HIS A 98 -7.44 -5.21 25.29
C HIS A 98 -6.10 -5.78 25.75
N VAL A 99 -5.23 -4.95 26.31
CA VAL A 99 -3.87 -5.34 26.78
C VAL A 99 -4.01 -6.31 27.96
N MET A 100 -4.80 -5.93 28.98
CA MET A 100 -5.11 -6.79 30.16
C MET A 100 -5.70 -8.14 29.72
N GLU A 101 -6.57 -8.15 28.70
CA GLU A 101 -7.27 -9.38 28.25
C GLU A 101 -6.38 -10.19 27.30
N SER A 102 -5.26 -9.62 26.83
CA SER A 102 -4.33 -10.27 25.86
C SER A 102 -3.19 -11.02 26.57
N VAL A 103 -2.62 -10.43 27.61
CA VAL A 103 -1.32 -10.87 28.17
C VAL A 103 -1.39 -12.33 28.62
N ASP A 104 -2.50 -12.76 29.24
CA ASP A 104 -2.58 -14.09 29.92
C ASP A 104 -2.61 -15.20 28.86
N GLY A 105 -3.27 -14.96 27.73
CA GLY A 105 -3.31 -15.91 26.61
C GLY A 105 -1.94 -16.08 25.98
N SER A 106 -1.19 -14.98 25.84
CA SER A 106 0.19 -14.99 25.30
C SER A 106 1.08 -15.84 26.23
N LEU A 107 0.98 -15.64 27.55
CA LEU A 107 1.74 -16.39 28.57
C LEU A 107 1.41 -17.88 28.50
N ARG A 108 0.13 -18.23 28.43
CA ARG A 108 -0.32 -19.64 28.38
C ARG A 108 0.27 -20.29 27.12
N ARG A 109 0.07 -19.68 25.95
CA ARG A 109 0.47 -20.26 24.64
C ARG A 109 2.00 -20.40 24.58
N LEU A 110 2.74 -19.46 25.14
CA LEU A 110 4.23 -19.50 25.13
C LEU A 110 4.74 -20.41 26.26
N ARG A 111 3.90 -20.74 27.25
CA ARG A 111 4.22 -21.66 28.39
C ARG A 111 5.23 -21.01 29.36
N VAL A 112 5.03 -19.74 29.70
CA VAL A 112 5.99 -18.94 30.52
C VAL A 112 5.23 -18.06 31.52
N ASP A 113 5.91 -17.64 32.59
CA ASP A 113 5.38 -16.76 33.67
C ASP A 113 5.45 -15.30 33.24
N HIS A 114 6.42 -14.97 32.38
CA HIS A 114 6.70 -13.58 31.93
C HIS A 114 7.20 -13.58 30.49
N ILE A 115 6.85 -12.51 29.76
CA ILE A 115 7.31 -12.18 28.39
C ILE A 115 8.49 -11.22 28.54
N ASP A 116 9.61 -11.49 27.86
CA ASP A 116 10.82 -10.64 27.97
C ASP A 116 10.50 -9.26 27.39
N VAL A 117 10.07 -9.19 26.11
CA VAL A 117 9.73 -7.90 25.43
C VAL A 117 8.27 -7.96 24.97
N TYR A 118 7.46 -7.00 25.40
CA TYR A 118 6.04 -6.82 25.02
C TYR A 118 5.92 -5.56 24.16
N THR A 119 5.60 -5.75 22.89
CA THR A 119 5.65 -4.71 21.83
C THR A 119 4.22 -4.24 21.52
N ALA A 120 3.97 -2.93 21.64
CA ALA A 120 2.74 -2.29 21.13
C ALA A 120 2.76 -2.31 19.59
N HIS A 121 2.08 -3.28 18.99
CA HIS A 121 1.94 -3.49 17.52
C HIS A 121 1.13 -2.35 16.92
N ARG A 122 1.76 -1.52 16.10
CA ARG A 122 1.11 -0.32 15.52
C ARG A 122 0.93 0.68 16.69
N TYR A 123 0.83 1.98 16.38
CA TYR A 123 0.39 3.05 17.31
C TYR A 123 -1.11 3.20 17.11
N ASP A 124 -1.86 3.38 18.20
CA ASP A 124 -3.34 3.47 18.23
C ASP A 124 -3.77 4.83 18.79
N PRO A 125 -4.24 5.76 17.92
CA PRO A 125 -4.58 7.13 18.36
C PRO A 125 -5.79 7.31 19.28
N ALA A 126 -6.59 6.27 19.51
CA ALA A 126 -7.77 6.33 20.39
C ALA A 126 -7.32 6.33 21.87
N THR A 127 -6.30 5.54 22.20
CA THR A 127 -5.81 5.35 23.59
C THR A 127 -4.80 6.46 23.95
N PRO A 128 -5.03 7.26 25.01
CA PRO A 128 -4.01 8.18 25.52
C PRO A 128 -2.80 7.40 26.03
N LEU A 129 -1.60 7.95 25.88
CA LEU A 129 -0.36 7.23 26.25
C LEU A 129 -0.27 7.05 27.77
N GLU A 130 -0.90 7.92 28.55
CA GLU A 130 -0.98 7.79 30.03
C GLU A 130 -1.74 6.51 30.38
N GLU A 131 -2.84 6.19 29.69
CA GLU A 131 -3.62 4.94 29.93
C GLU A 131 -2.71 3.74 29.64
N LEU A 132 -2.04 3.76 28.49
CA LEU A 132 -1.22 2.63 27.99
C LEU A 132 -0.06 2.39 28.96
N MET A 133 0.72 3.42 29.25
CA MET A 133 1.98 3.30 30.04
C MET A 133 1.67 2.84 31.48
N TRP A 134 0.53 3.25 32.05
CA TRP A 134 0.10 2.79 33.41
C TRP A 134 -0.31 1.31 33.36
N THR A 135 -0.92 0.90 32.25
CA THR A 135 -1.26 -0.52 31.99
C THR A 135 0.04 -1.33 31.91
N PHE A 136 1.08 -0.79 31.29
CA PHE A 136 2.41 -1.47 31.22
C PHE A 136 3.05 -1.49 32.61
N SER A 137 2.96 -0.40 33.36
CA SER A 137 3.46 -0.32 34.77
C SER A 137 2.87 -1.46 35.59
N ASP A 138 1.55 -1.62 35.54
CA ASP A 138 0.83 -2.67 36.30
C ASP A 138 1.36 -4.06 35.91
N LEU A 139 1.64 -4.31 34.63
CA LEU A 139 2.13 -5.64 34.16
C LEU A 139 3.59 -5.87 34.59
N VAL A 140 4.40 -4.81 34.65
CA VAL A 140 5.80 -4.90 35.12
C VAL A 140 5.82 -5.14 36.64
N ARG A 141 5.01 -4.40 37.40
CA ARG A 141 4.88 -4.57 38.88
C ARG A 141 4.51 -6.02 39.21
N ALA A 142 3.60 -6.60 38.42
CA ALA A 142 3.07 -7.97 38.56
C ALA A 142 4.06 -9.01 38.04
N GLY A 143 5.12 -8.58 37.35
CA GLY A 143 6.17 -9.45 36.75
C GLY A 143 5.64 -10.33 35.63
N LYS A 144 4.68 -9.83 34.83
CA LYS A 144 4.11 -10.58 33.66
C LYS A 144 4.87 -10.20 32.39
N ILE A 145 5.51 -9.04 32.41
CA ILE A 145 6.37 -8.52 31.32
C ILE A 145 7.60 -7.86 31.98
N LEU A 146 8.74 -7.85 31.29
CA LEU A 146 9.98 -7.22 31.81
C LEU A 146 10.21 -5.88 31.10
N TYR A 147 10.21 -5.89 29.78
CA TYR A 147 10.60 -4.71 28.96
C TYR A 147 9.47 -4.42 27.96
N VAL A 148 9.38 -3.16 27.51
CA VAL A 148 8.33 -2.70 26.56
C VAL A 148 8.97 -2.29 25.22
N GLY A 149 8.28 -2.57 24.13
CA GLY A 149 8.69 -2.15 22.77
C GLY A 149 7.52 -1.56 21.98
N MET A 150 7.82 -0.96 20.83
CA MET A 150 6.84 -0.38 19.88
C MET A 150 7.21 -0.81 18.45
N SER A 151 6.23 -1.02 17.58
CA SER A 151 6.41 -1.33 16.14
C SER A 151 5.57 -0.35 15.31
N GLU A 152 6.19 0.32 14.32
CA GLU A 152 5.52 1.23 13.35
C GLU A 152 4.85 2.37 14.12
N TRP A 153 5.63 3.17 14.85
CA TRP A 153 5.10 4.27 15.73
C TRP A 153 5.63 5.61 15.22
N PRO A 154 4.81 6.69 15.16
CA PRO A 154 5.34 8.03 14.91
C PRO A 154 6.39 8.39 15.98
N VAL A 155 7.44 9.12 15.58
CA VAL A 155 8.66 9.37 16.40
C VAL A 155 8.32 10.31 17.59
N GLU A 156 7.44 11.30 17.41
CA GLU A 156 6.96 12.18 18.51
C GLU A 156 6.39 11.33 19.64
N ARG A 157 5.68 10.27 19.27
CA ARG A 157 4.90 9.39 20.17
C ARG A 157 5.84 8.40 20.85
N ILE A 158 6.92 7.99 20.19
CA ILE A 158 8.01 7.16 20.80
C ILE A 158 8.62 7.96 21.93
N ALA A 159 8.99 9.22 21.68
CA ALA A 159 9.63 10.13 22.67
C ALA A 159 8.71 10.32 23.88
N GLU A 160 7.45 10.64 23.64
CA GLU A 160 6.40 10.87 24.67
C GLU A 160 6.35 9.64 25.61
N ALA A 161 6.22 8.45 25.02
CA ALA A 161 6.06 7.15 25.72
C ALA A 161 7.33 6.81 26.50
N ALA A 162 8.50 7.05 25.91
CA ALA A 162 9.81 6.89 26.59
C ALA A 162 9.84 7.79 27.84
N GLY A 163 9.40 9.04 27.70
CA GLY A 163 9.34 10.05 28.79
C GLY A 163 8.51 9.56 29.97
N ILE A 164 7.30 9.10 29.70
CA ILE A 164 6.32 8.63 30.72
C ILE A 164 6.86 7.35 31.37
N GLY A 165 7.45 6.45 30.58
CA GLY A 165 8.02 5.17 31.06
C GLY A 165 9.17 5.38 32.04
N ALA A 166 10.05 6.34 31.77
CA ALA A 166 11.12 6.77 32.69
C ALA A 166 10.50 7.21 34.04
N ARG A 167 9.35 7.89 33.99
CA ARG A 167 8.66 8.42 35.19
C ARG A 167 8.02 7.28 35.99
N LEU A 168 7.53 6.24 35.31
CA LEU A 168 6.70 5.16 35.91
C LEU A 168 7.51 3.87 36.10
N GLY A 169 8.82 3.88 35.85
CA GLY A 169 9.67 2.68 35.96
C GLY A 169 9.25 1.59 34.99
N VAL A 170 8.92 1.99 33.75
CA VAL A 170 8.63 1.10 32.61
C VAL A 170 9.83 1.20 31.67
N PRO A 171 10.66 0.15 31.52
CA PRO A 171 11.73 0.15 30.53
C PRO A 171 11.16 0.06 29.09
N VAL A 172 11.21 1.18 28.37
CA VAL A 172 10.92 1.28 26.91
C VAL A 172 12.25 1.23 26.17
N ILE A 173 12.60 0.06 25.62
CA ILE A 173 14.00 -0.22 25.19
C ILE A 173 14.07 -0.60 23.69
N CYS A 174 12.94 -0.76 23.01
CA CYS A 174 12.89 -1.50 21.70
C CYS A 174 11.89 -0.84 20.76
N HIS A 175 12.32 -0.61 19.52
CA HIS A 175 11.48 -0.20 18.36
C HIS A 175 11.70 -1.21 17.23
N MET A 176 10.64 -1.59 16.51
CA MET A 176 10.70 -2.55 15.39
C MET A 176 10.31 -1.83 14.10
N PRO A 177 11.31 -1.39 13.30
CA PRO A 177 11.08 -0.84 11.97
C PRO A 177 11.33 -1.87 10.87
N ARG A 178 10.81 -1.59 9.68
CA ARG A 178 11.27 -2.16 8.39
C ARG A 178 12.61 -1.52 8.03
N TYR A 179 13.65 -2.32 7.80
CA TYR A 179 15.02 -1.85 7.50
C TYR A 179 15.76 -2.92 6.70
N SER A 180 16.33 -2.51 5.55
CA SER A 180 17.17 -3.34 4.64
C SER A 180 18.09 -2.43 3.82
N MET A 181 19.00 -3.03 3.04
CA MET A 181 19.84 -2.33 2.02
C MET A 181 18.94 -1.46 1.12
N LEU A 182 17.71 -1.90 0.84
CA LEU A 182 16.79 -1.24 -0.13
C LEU A 182 15.84 -0.27 0.56
N TRP A 183 15.51 -0.48 1.83
CA TRP A 183 14.51 0.33 2.57
C TRP A 183 15.16 0.99 3.79
N ARG A 184 15.44 2.30 3.71
CA ARG A 184 16.24 3.06 4.70
C ARG A 184 15.44 4.26 5.22
N ALA A 185 14.12 4.18 5.19
CA ALA A 185 13.20 5.17 5.80
C ALA A 185 13.61 5.48 7.25
N PRO A 186 13.96 4.48 8.10
CA PRO A 186 14.30 4.77 9.50
C PRO A 186 15.64 5.47 9.79
N GLU A 187 16.52 5.65 8.81
CA GLU A 187 17.83 6.34 8.98
C GLU A 187 17.59 7.84 9.24
N ALA A 188 16.59 8.40 8.58
CA ALA A 188 16.25 9.85 8.53
C ALA A 188 15.96 10.43 9.92
N GLU A 189 15.06 9.80 10.69
CA GLU A 189 14.53 10.37 11.97
C GLU A 189 14.45 9.31 13.09
N VAL A 190 13.96 8.11 12.79
CA VAL A 190 13.57 7.11 13.83
C VAL A 190 14.80 6.66 14.61
N ILE A 191 15.87 6.22 13.93
CA ILE A 191 17.06 5.64 14.61
C ILE A 191 17.80 6.74 15.37
N PRO A 192 18.01 7.96 14.83
CA PRO A 192 18.60 9.07 15.58
C PRO A 192 17.85 9.43 16.88
N ALA A 193 16.53 9.59 16.80
CA ALA A 193 15.64 9.83 17.95
C ALA A 193 15.77 8.67 18.96
N CYS A 194 15.51 7.44 18.52
CA CYS A 194 15.57 6.21 19.35
C CYS A 194 16.91 6.11 20.09
N ARG A 195 18.04 6.31 19.39
CA ARG A 195 19.40 6.24 20.01
C ARG A 195 19.54 7.21 21.18
N ASP A 196 19.06 8.46 21.05
CA ASP A 196 19.05 9.46 22.15
C ASP A 196 18.17 8.99 23.32
N LEU A 197 17.07 8.27 23.04
CA LEU A 197 16.10 7.83 24.07
C LEU A 197 16.47 6.46 24.69
N GLY A 198 17.62 5.87 24.34
CA GLY A 198 18.05 4.55 24.86
C GLY A 198 17.24 3.39 24.30
N ILE A 199 16.79 3.48 23.05
CA ILE A 199 15.96 2.45 22.37
C ILE A 199 16.77 1.84 21.20
N GLY A 200 16.79 0.52 21.10
CA GLY A 200 17.46 -0.22 20.03
C GLY A 200 16.43 -0.75 19.03
N GLN A 201 16.86 -1.01 17.79
CA GLN A 201 15.98 -1.50 16.71
C GLN A 201 16.12 -3.02 16.61
N ILE A 202 14.99 -3.74 16.62
CA ILE A 202 14.89 -5.13 16.09
C ILE A 202 14.15 -5.03 14.73
N CYS A 203 14.85 -5.34 13.63
CA CYS A 203 14.49 -4.97 12.23
C CYS A 203 13.83 -6.12 11.50
N TYR A 204 12.85 -5.82 10.65
CA TYR A 204 12.09 -6.82 9.85
C TYR A 204 12.15 -6.50 8.35
N PHE A 205 11.74 -7.47 7.53
CA PHE A 205 11.89 -7.48 6.05
C PHE A 205 13.35 -7.19 5.66
N THR A 206 14.31 -7.73 6.41
CA THR A 206 15.77 -7.44 6.23
C THR A 206 16.27 -8.06 4.92
N LEU A 207 15.57 -9.07 4.38
CA LEU A 207 15.88 -9.64 3.04
C LEU A 207 14.82 -9.19 2.00
N GLU A 208 13.93 -8.27 2.35
CA GLU A 208 12.76 -7.86 1.51
C GLU A 208 12.09 -9.11 0.90
N GLN A 209 11.83 -10.10 1.76
CA GLN A 209 11.03 -11.33 1.48
C GLN A 209 11.76 -12.24 0.49
N GLY A 210 13.09 -12.12 0.39
CA GLY A 210 13.94 -12.99 -0.43
C GLY A 210 14.54 -12.25 -1.62
N VAL A 211 14.09 -11.03 -1.90
CA VAL A 211 14.61 -10.19 -3.02
C VAL A 211 16.11 -9.94 -2.81
N LEU A 212 16.60 -9.90 -1.57
CA LEU A 212 18.03 -9.59 -1.31
C LEU A 212 18.82 -10.88 -1.07
N THR A 213 18.34 -12.01 -1.58
CA THR A 213 19.10 -13.28 -1.67
C THR A 213 19.68 -13.47 -3.07
N GLY A 214 19.33 -12.59 -4.03
CA GLY A 214 19.81 -12.63 -5.43
C GLY A 214 19.20 -13.77 -6.24
N LYS A 215 18.15 -14.39 -5.71
CA LYS A 215 17.57 -15.67 -6.16
C LYS A 215 16.54 -15.44 -7.27
N TYR A 216 16.15 -14.17 -7.49
CA TYR A 216 15.20 -13.74 -8.55
C TYR A 216 15.95 -13.01 -9.66
N ALA A 217 15.99 -13.64 -10.84
CA ALA A 217 16.65 -13.13 -12.07
C ALA A 217 15.68 -12.22 -12.83
N PRO A 218 16.13 -11.06 -13.39
CA PRO A 218 15.26 -10.23 -14.21
C PRO A 218 14.77 -11.00 -15.44
N GLY A 219 13.46 -10.91 -15.75
CA GLY A 219 12.82 -11.53 -16.93
C GLY A 219 12.97 -13.05 -16.95
N ALA A 220 12.42 -13.74 -15.95
CA ALA A 220 12.55 -15.20 -15.75
C ALA A 220 11.31 -15.77 -15.08
N PRO A 221 11.17 -17.12 -14.99
CA PRO A 221 10.17 -17.73 -14.11
C PRO A 221 10.75 -17.97 -12.71
N PRO A 222 10.14 -17.44 -11.62
CA PRO A 222 10.70 -17.59 -10.27
C PRO A 222 10.80 -19.05 -9.84
N PRO A 223 11.80 -19.43 -9.01
CA PRO A 223 12.02 -20.84 -8.63
C PRO A 223 10.82 -21.61 -8.07
N ALA A 224 10.97 -22.94 -7.97
CA ALA A 224 9.91 -23.94 -7.63
C ALA A 224 9.03 -23.45 -6.47
N GLY A 225 9.57 -23.44 -5.24
CA GLY A 225 8.81 -23.16 -3.99
C GLY A 225 9.05 -21.76 -3.43
N SER A 226 9.50 -20.83 -4.28
CA SER A 226 9.81 -19.40 -3.99
C SER A 226 8.55 -18.67 -3.51
N ARG A 227 8.69 -17.62 -2.70
CA ARG A 227 7.56 -16.79 -2.18
C ARG A 227 6.78 -16.11 -3.32
N ALA A 228 7.44 -15.79 -4.43
CA ALA A 228 6.83 -15.14 -5.61
C ALA A 228 5.72 -16.02 -6.21
N THR A 229 5.90 -17.36 -6.18
CA THR A 229 4.94 -18.38 -6.70
C THR A 229 3.76 -18.57 -5.74
N ALA A 230 3.98 -18.45 -4.43
CA ALA A 230 2.98 -18.69 -3.35
C ALA A 230 2.63 -17.40 -2.60
N PRO A 231 1.97 -16.40 -3.24
CA PRO A 231 1.75 -15.10 -2.61
C PRO A 231 0.53 -15.03 -1.68
N LYS A 232 0.63 -15.66 -0.50
CA LYS A 232 -0.42 -15.59 0.55
C LYS A 232 -0.26 -14.29 1.33
N GLY A 233 -1.39 -13.68 1.70
CA GLY A 233 -1.46 -12.49 2.60
C GLY A 233 -1.13 -11.20 1.88
N GLY A 234 -1.52 -10.07 2.49
CA GLY A 234 -1.39 -8.70 1.94
C GLY A 234 0.01 -8.12 2.07
N ARG A 235 1.04 -8.97 2.22
CA ARG A 235 2.48 -8.58 2.17
C ARG A 235 3.05 -8.87 0.76
N ALA A 236 2.39 -9.73 -0.03
CA ALA A 236 2.77 -10.08 -1.43
C ALA A 236 2.89 -8.82 -2.29
N PRO A 237 1.91 -7.88 -2.28
CA PRO A 237 2.07 -6.58 -2.96
C PRO A 237 3.32 -5.75 -2.65
N LEU A 238 3.85 -5.78 -1.41
CA LEU A 238 5.08 -5.05 -0.99
C LEU A 238 6.28 -5.64 -1.74
N MET A 239 6.22 -6.95 -2.02
CA MET A 239 7.23 -7.73 -2.77
C MET A 239 7.08 -7.42 -4.29
N ARG A 240 5.83 -7.33 -4.77
CA ARG A 240 5.49 -7.08 -6.20
C ARG A 240 6.17 -5.77 -6.63
N ARG A 241 6.27 -4.77 -5.75
CA ARG A 241 6.94 -3.48 -6.04
C ARG A 241 8.34 -3.74 -6.62
N TRP A 242 9.05 -4.73 -6.07
CA TRP A 242 10.46 -5.01 -6.45
C TRP A 242 10.56 -6.06 -7.57
N LEU A 243 9.65 -7.04 -7.62
CA LEU A 243 9.70 -8.11 -8.65
C LEU A 243 9.24 -7.56 -10.01
N ASP A 244 8.43 -6.49 -10.03
CA ASP A 244 7.90 -5.84 -11.26
C ASP A 244 8.86 -4.73 -11.70
N ASP A 245 10.11 -4.83 -11.25
CA ASP A 245 11.20 -3.84 -11.54
C ASP A 245 12.47 -4.63 -11.86
N ASP A 246 12.69 -4.93 -13.15
CA ASP A 246 13.86 -5.70 -13.65
C ASP A 246 15.15 -4.94 -13.32
N LYS A 247 15.06 -3.62 -13.14
CA LYS A 247 16.21 -2.74 -12.80
C LYS A 247 16.84 -3.19 -11.47
N VAL A 248 16.04 -3.19 -10.40
CA VAL A 248 16.45 -3.57 -9.02
C VAL A 248 16.94 -5.02 -9.05
N LEU A 249 16.14 -5.93 -9.59
CA LEU A 249 16.46 -7.38 -9.63
C LEU A 249 17.84 -7.60 -10.25
N GLY A 250 18.24 -6.75 -11.21
CA GLY A 250 19.53 -6.84 -11.93
C GLY A 250 20.67 -6.25 -11.12
N ARG A 251 20.40 -5.15 -10.39
CA ARG A 251 21.35 -4.49 -9.45
C ARG A 251 21.62 -5.40 -8.23
N VAL A 252 20.60 -6.13 -7.77
CA VAL A 252 20.75 -7.10 -6.66
C VAL A 252 21.67 -8.24 -7.13
N GLU A 253 21.54 -8.65 -8.39
CA GLU A 253 22.36 -9.75 -8.97
C GLU A 253 23.83 -9.33 -9.01
N ARG A 254 24.10 -8.01 -9.11
CA ARG A 254 25.48 -7.47 -9.27
C ARG A 254 26.16 -7.32 -7.90
N LEU A 255 25.42 -7.51 -6.79
CA LEU A 255 26.00 -7.51 -5.41
C LEU A 255 26.78 -8.80 -5.20
N ARG A 256 26.44 -9.87 -5.93
CA ARG A 256 26.98 -11.24 -5.72
C ARG A 256 28.51 -11.21 -5.73
N PRO A 257 29.18 -10.57 -6.72
CA PRO A 257 30.63 -10.39 -6.68
C PRO A 257 31.16 -9.71 -5.41
N LEU A 258 30.45 -8.68 -4.94
CA LEU A 258 30.79 -7.94 -3.69
C LEU A 258 30.69 -8.89 -2.49
N ALA A 259 29.64 -9.70 -2.43
CA ALA A 259 29.43 -10.72 -1.37
C ALA A 259 30.56 -11.76 -1.40
N GLU A 260 30.85 -12.35 -2.57
CA GLU A 260 31.89 -13.42 -2.73
C GLU A 260 33.25 -12.85 -2.34
N GLU A 261 33.50 -11.57 -2.63
CA GLU A 261 34.72 -10.84 -2.19
C GLU A 261 34.90 -11.08 -0.68
N ALA A 262 33.84 -10.85 0.10
CA ALA A 262 33.80 -10.93 1.58
C ALA A 262 33.55 -12.38 2.06
N GLY A 263 33.40 -13.36 1.16
CA GLY A 263 33.19 -14.76 1.53
C GLY A 263 31.78 -15.02 2.05
N LEU A 264 30.81 -14.25 1.54
CA LEU A 264 29.39 -14.30 1.97
C LEU A 264 28.47 -14.62 0.78
N THR A 265 27.32 -15.24 1.04
CA THR A 265 26.15 -15.27 0.13
C THR A 265 25.52 -13.88 0.14
N THR A 266 24.71 -13.54 -0.86
CA THR A 266 24.03 -12.22 -0.97
C THR A 266 23.16 -12.02 0.27
N ALA A 267 22.61 -13.12 0.80
CA ALA A 267 21.70 -13.14 1.97
C ALA A 267 22.46 -12.66 3.21
N GLN A 268 23.64 -13.24 3.45
CA GLN A 268 24.54 -12.93 4.58
C GLN A 268 25.02 -11.47 4.46
N LEU A 269 25.21 -10.98 3.25
CA LEU A 269 25.70 -9.59 3.03
C LEU A 269 24.60 -8.60 3.42
N ALA A 270 23.37 -8.89 3.02
CA ALA A 270 22.16 -8.07 3.28
C ALA A 270 21.88 -8.00 4.79
N LEU A 271 22.11 -9.11 5.50
CA LEU A 271 21.84 -9.24 6.95
C LEU A 271 22.95 -8.51 7.70
N ALA A 272 24.20 -8.72 7.29
CA ALA A 272 25.39 -8.04 7.86
C ALA A 272 25.26 -6.53 7.62
N TRP A 273 24.68 -6.13 6.49
CA TRP A 273 24.53 -4.69 6.13
C TRP A 273 23.70 -3.98 7.21
N VAL A 274 22.54 -4.52 7.54
CA VAL A 274 21.63 -3.99 8.61
C VAL A 274 22.41 -3.91 9.93
N LEU A 275 23.20 -4.96 10.25
CA LEU A 275 23.87 -5.09 11.56
C LEU A 275 25.00 -4.07 11.67
N GLN A 276 25.37 -3.39 10.59
CA GLN A 276 26.48 -2.40 10.59
C GLN A 276 26.01 -1.10 11.24
N ASN A 277 24.70 -0.84 11.31
CA ASN A 277 24.16 0.39 11.97
C ASN A 277 24.27 0.23 13.47
N PRO A 278 24.97 1.14 14.20
CA PRO A 278 25.03 1.05 15.67
C PRO A 278 23.67 1.10 16.39
N GLY A 279 22.63 1.64 15.75
CA GLY A 279 21.29 1.79 16.36
C GLY A 279 20.52 0.48 16.38
N VAL A 280 21.05 -0.55 15.74
CA VAL A 280 20.39 -1.88 15.55
C VAL A 280 20.93 -2.86 16.62
N SER A 281 20.01 -3.51 17.34
CA SER A 281 20.31 -4.58 18.32
C SER A 281 20.17 -5.95 17.64
N GLY A 282 19.26 -6.06 16.66
CA GLY A 282 18.89 -7.37 16.08
C GLY A 282 18.25 -7.25 14.71
N ALA A 283 18.55 -8.22 13.83
CA ALA A 283 17.87 -8.44 12.54
C ALA A 283 17.00 -9.68 12.65
N VAL A 284 15.70 -9.56 12.36
CA VAL A 284 14.74 -10.70 12.32
C VAL A 284 14.93 -11.43 10.99
N ILE A 285 14.95 -12.77 11.00
CA ILE A 285 14.99 -13.62 9.77
C ILE A 285 13.73 -14.48 9.74
N GLY A 286 13.08 -14.52 8.58
CA GLY A 286 12.07 -15.54 8.26
C GLY A 286 12.70 -16.67 7.47
N SER A 287 12.32 -17.91 7.78
CA SER A 287 12.58 -19.10 6.94
C SER A 287 11.94 -20.33 7.59
N PHE A 288 11.37 -21.22 6.77
CA PHE A 288 10.90 -22.56 7.17
C PHE A 288 11.79 -23.62 6.50
N ASN A 289 13.08 -23.32 6.38
CA ASN A 289 14.13 -24.21 5.81
C ASN A 289 15.37 -24.17 6.72
N ALA A 290 15.70 -25.29 7.35
CA ALA A 290 16.80 -25.42 8.34
C ALA A 290 18.11 -24.89 7.76
N GLU A 291 18.45 -25.31 6.53
CA GLU A 291 19.73 -24.98 5.84
C GLU A 291 19.86 -23.47 5.65
N GLN A 292 18.74 -22.77 5.43
CA GLN A 292 18.69 -21.29 5.23
C GLN A 292 18.98 -20.59 6.55
N VAL A 293 18.38 -21.07 7.64
CA VAL A 293 18.51 -20.48 9.01
C VAL A 293 19.98 -20.59 9.43
N LEU A 294 20.57 -21.79 9.34
CA LEU A 294 21.95 -22.07 9.84
C LEU A 294 22.94 -21.19 9.08
N ALA A 295 22.66 -20.92 7.80
CA ALA A 295 23.50 -20.07 6.92
C ALA A 295 23.25 -18.59 7.20
N ASN A 296 22.00 -18.18 7.39
CA ASN A 296 21.66 -16.76 7.64
C ASN A 296 22.20 -16.35 9.02
N ALA A 297 22.23 -17.30 9.96
CA ALA A 297 22.70 -17.12 11.35
C ALA A 297 24.18 -16.70 11.39
N GLU A 298 24.95 -17.05 10.35
CA GLU A 298 26.43 -16.84 10.32
C GLU A 298 26.78 -15.37 9.96
N SER A 299 25.81 -14.53 9.66
CA SER A 299 26.05 -13.08 9.41
C SER A 299 26.41 -12.38 10.72
N ALA A 300 26.08 -13.00 11.86
CA ALA A 300 26.23 -12.44 13.22
C ALA A 300 27.69 -12.01 13.45
N GLY A 301 27.90 -10.72 13.69
CA GLY A 301 29.20 -10.13 14.12
C GLY A 301 30.14 -9.83 12.96
N VAL A 302 29.71 -10.04 11.72
CA VAL A 302 30.54 -9.74 10.52
C VAL A 302 30.64 -8.22 10.36
N ARG A 303 31.86 -7.68 10.35
CA ARG A 303 32.14 -6.27 9.94
C ARG A 303 32.38 -6.24 8.41
N LEU A 304 31.73 -5.28 7.73
CA LEU A 304 31.96 -4.98 6.29
C LEU A 304 32.91 -3.77 6.19
N GLU A 305 33.83 -3.79 5.22
CA GLU A 305 34.83 -2.70 5.02
C GLU A 305 34.13 -1.42 4.60
N THR A 306 34.69 -0.25 4.91
CA THR A 306 34.18 1.06 4.41
C THR A 306 34.06 0.99 2.88
N ASP A 307 35.08 0.42 2.22
CA ASP A 307 35.20 0.23 0.75
C ASP A 307 33.93 -0.48 0.21
N LEU A 308 33.60 -1.64 0.78
CA LEU A 308 32.44 -2.49 0.36
C LEU A 308 31.11 -1.76 0.57
N LEU A 309 30.99 -0.89 1.60
CA LEU A 309 29.74 -0.15 1.93
C LEU A 309 29.51 0.99 0.91
N VAL A 310 30.60 1.54 0.36
CA VAL A 310 30.55 2.60 -0.69
C VAL A 310 30.19 1.95 -2.03
N ARG A 311 30.75 0.78 -2.33
CA ARG A 311 30.46 0.05 -3.60
C ARG A 311 29.02 -0.48 -3.60
N ILE A 312 28.47 -0.86 -2.44
CA ILE A 312 27.06 -1.37 -2.32
C ILE A 312 26.09 -0.23 -2.73
N ASP A 313 26.31 0.98 -2.23
CA ASP A 313 25.48 2.19 -2.53
C ASP A 313 25.52 2.49 -4.03
N GLU A 314 26.69 2.38 -4.65
CA GLU A 314 26.90 2.63 -6.10
C GLU A 314 26.03 1.67 -6.93
N VAL A 315 26.13 0.36 -6.66
CA VAL A 315 25.39 -0.71 -7.40
C VAL A 315 23.88 -0.52 -7.28
N LEU A 316 23.36 -0.24 -6.09
CA LEU A 316 21.90 -0.14 -5.82
C LEU A 316 21.39 1.24 -6.25
N GLY A 317 22.24 2.27 -6.15
CA GLY A 317 21.94 3.62 -6.67
C GLY A 317 20.62 4.16 -6.15
N ASP A 318 19.69 4.46 -7.06
CA ASP A 318 18.43 5.23 -6.85
C ASP A 318 17.24 4.30 -6.56
N SER A 319 17.44 2.98 -6.61
CA SER A 319 16.47 1.95 -6.17
C SER A 319 16.25 2.03 -4.66
N VAL A 320 17.23 2.56 -3.92
CA VAL A 320 17.16 2.69 -2.44
C VAL A 320 16.05 3.70 -2.08
N VAL A 321 15.29 3.39 -1.02
CA VAL A 321 14.16 4.22 -0.53
C VAL A 321 14.59 4.90 0.78
N HIS A 322 14.57 6.24 0.81
CA HIS A 322 14.93 7.09 1.99
C HIS A 322 13.68 7.87 2.43
N ASP A 323 13.85 9.10 2.91
CA ASP A 323 12.75 9.93 3.44
C ASP A 323 13.06 11.41 3.23
N MET B 1 4.81 9.84 -7.52
CA MET B 1 3.62 9.29 -8.19
C MET B 1 3.86 7.81 -8.51
N GLU B 2 2.84 6.97 -8.41
CA GLU B 2 2.88 5.56 -8.89
C GLU B 2 2.03 5.48 -10.16
N PHE B 3 2.31 4.49 -10.99
CA PHE B 3 1.81 4.39 -12.38
C PHE B 3 1.27 2.98 -12.62
N ARG B 4 0.22 2.85 -13.43
CA ARG B 4 -0.37 1.55 -13.80
C ARG B 4 -0.63 1.51 -15.31
N SER B 5 -0.60 0.31 -15.89
CA SER B 5 -1.17 0.02 -17.22
C SER B 5 -2.64 0.41 -17.21
N LEU B 6 -3.11 1.03 -18.29
CA LEU B 6 -4.56 1.26 -18.54
C LEU B 6 -5.04 0.11 -19.42
N GLY B 7 -5.62 -0.92 -18.79
CA GLY B 7 -6.01 -2.19 -19.44
C GLY B 7 -4.81 -2.92 -19.99
N ARG B 8 -5.02 -3.91 -20.86
CA ARG B 8 -3.96 -4.53 -21.69
C ARG B 8 -3.57 -3.52 -22.78
N SER B 9 -2.50 -2.76 -22.54
CA SER B 9 -2.00 -1.68 -23.41
C SER B 9 -0.60 -1.26 -22.97
N GLY B 10 0.12 -0.54 -23.84
CA GLY B 10 1.43 0.05 -23.52
C GLY B 10 1.29 1.41 -22.86
N LEU B 11 0.05 1.86 -22.60
CA LEU B 11 -0.21 3.19 -21.99
C LEU B 11 -0.11 3.07 -20.47
N SER B 12 0.58 4.01 -19.84
CA SER B 12 0.64 4.14 -18.37
C SER B 12 0.00 5.46 -17.96
N VAL B 13 -0.86 5.40 -16.96
CA VAL B 13 -1.49 6.59 -16.30
C VAL B 13 -0.97 6.68 -14.87
N SER B 14 -0.93 7.90 -14.33
CA SER B 14 -0.78 8.17 -12.87
C SER B 14 -1.94 7.49 -12.12
N GLU B 15 -1.68 6.94 -10.93
CA GLU B 15 -2.70 6.33 -10.04
C GLU B 15 -3.70 7.40 -9.58
N ILE B 16 -3.26 8.66 -9.49
CA ILE B 16 -4.17 9.82 -9.25
C ILE B 16 -4.32 10.56 -10.57
N VAL B 17 -5.57 10.74 -11.01
CA VAL B 17 -6.00 11.43 -12.27
C VAL B 17 -6.69 12.71 -11.85
N TYR B 18 -6.44 13.83 -12.52
CA TYR B 18 -7.07 15.13 -12.17
C TYR B 18 -8.23 15.42 -13.14
N GLY B 19 -9.46 15.47 -12.60
CA GLY B 19 -10.67 15.89 -13.32
C GLY B 19 -11.06 17.32 -12.96
N ASN B 20 -11.18 18.20 -13.95
CA ASN B 20 -11.59 19.62 -13.69
C ASN B 20 -13.03 19.80 -14.17
N LEU B 21 -13.95 19.03 -13.61
CA LEU B 21 -15.39 19.17 -13.94
C LEU B 21 -15.85 20.55 -13.48
N LEU B 22 -16.53 21.30 -14.35
CA LEU B 22 -17.03 22.66 -14.05
C LEU B 22 -18.53 22.73 -14.33
N TYR B 23 -19.09 23.94 -14.29
CA TYR B 23 -20.53 24.19 -14.57
C TYR B 23 -20.69 25.42 -15.47
N THR B 28 -16.73 29.90 -10.19
CA THR B 28 -15.28 29.65 -9.96
C THR B 28 -14.45 30.44 -10.96
N PRO B 29 -13.50 31.31 -10.51
CA PRO B 29 -12.66 32.05 -11.44
C PRO B 29 -11.56 31.19 -12.08
N ASP B 30 -10.97 31.66 -13.19
CA ASP B 30 -9.97 30.92 -14.00
C ASP B 30 -8.66 30.75 -13.22
N GLU B 31 -8.29 31.73 -12.40
CA GLU B 31 -7.00 31.77 -11.65
C GLU B 31 -6.92 30.53 -10.75
N VAL B 32 -8.03 30.15 -10.15
CA VAL B 32 -8.13 29.03 -9.17
C VAL B 32 -8.04 27.69 -9.92
N VAL B 33 -8.73 27.56 -11.05
CA VAL B 33 -8.69 26.31 -11.88
C VAL B 33 -7.26 26.08 -12.38
N LEU B 34 -6.62 27.13 -12.92
CA LEU B 34 -5.25 27.06 -13.48
C LEU B 34 -4.26 26.66 -12.39
N SER B 35 -4.42 27.17 -11.16
CA SER B 35 -3.50 26.91 -10.02
C SER B 35 -3.70 25.49 -9.48
N SER B 36 -4.93 24.98 -9.53
CA SER B 36 -5.28 23.59 -9.14
C SER B 36 -4.60 22.59 -10.09
N ILE B 37 -4.79 22.78 -11.41
CA ILE B 37 -4.09 21.97 -12.44
C ILE B 37 -2.58 22.03 -12.17
N ARG B 38 -2.04 23.23 -11.98
CA ARG B 38 -0.59 23.47 -11.70
C ARG B 38 -0.13 22.65 -10.50
N ALA B 39 -0.94 22.59 -9.44
CA ALA B 39 -0.68 21.84 -8.19
C ALA B 39 -0.62 20.33 -8.52
N ALA B 40 -1.52 19.87 -9.40
CA ALA B 40 -1.58 18.46 -9.85
C ALA B 40 -0.26 18.10 -10.54
N LEU B 41 0.22 18.95 -11.46
CA LEU B 41 1.53 18.76 -12.13
C LEU B 41 2.63 18.69 -11.06
N ASP B 42 2.66 19.63 -10.11
CA ASP B 42 3.67 19.65 -9.03
C ASP B 42 3.60 18.34 -8.22
N ALA B 43 2.42 17.74 -8.09
CA ALA B 43 2.20 16.53 -7.27
C ALA B 43 2.66 15.28 -8.04
N GLY B 44 2.95 15.41 -9.34
CA GLY B 44 3.41 14.30 -10.20
C GLY B 44 2.28 13.69 -11.00
N VAL B 45 1.08 14.28 -10.98
CA VAL B 45 -0.07 13.82 -11.80
C VAL B 45 0.31 13.99 -13.29
N THR B 46 0.07 12.98 -14.12
CA THR B 46 0.35 12.99 -15.58
C THR B 46 -0.94 12.92 -16.40
N THR B 47 -2.03 12.51 -15.77
CA THR B 47 -3.25 12.07 -16.47
C THR B 47 -4.36 13.03 -16.12
N PHE B 48 -5.01 13.62 -17.13
CA PHE B 48 -6.04 14.67 -16.95
C PHE B 48 -7.31 14.21 -17.65
N ASP B 49 -8.43 14.19 -16.93
CA ASP B 49 -9.79 13.83 -17.42
C ASP B 49 -10.60 15.11 -17.54
N THR B 50 -11.23 15.32 -18.69
CA THR B 50 -12.12 16.47 -18.93
C THR B 50 -13.24 16.01 -19.86
N ALA B 51 -13.93 16.94 -20.52
CA ALA B 51 -15.02 16.68 -21.48
C ALA B 51 -15.46 18.00 -22.11
N ASP B 52 -15.90 17.95 -23.37
CA ASP B 52 -16.44 19.12 -24.10
C ASP B 52 -17.45 19.82 -23.19
N VAL B 53 -18.41 19.05 -22.65
CA VAL B 53 -19.60 19.53 -21.88
C VAL B 53 -19.15 20.29 -20.62
N TYR B 54 -18.01 19.93 -20.03
CA TYR B 54 -17.51 20.48 -18.73
C TYR B 54 -17.30 21.99 -18.92
N GLY B 55 -18.15 22.77 -18.24
CA GLY B 55 -18.19 24.25 -18.33
C GLY B 55 -18.48 24.74 -19.75
N MET B 56 -19.16 23.91 -20.54
CA MET B 56 -19.38 24.10 -22.01
C MET B 56 -18.10 24.65 -22.65
N PHE B 57 -17.08 23.80 -22.75
CA PHE B 57 -15.80 24.04 -23.50
C PHE B 57 -14.75 24.73 -22.63
N ARG B 58 -15.16 25.39 -21.54
CA ARG B 58 -14.27 26.20 -20.66
C ARG B 58 -13.24 25.28 -19.98
N SER B 59 -13.68 24.12 -19.50
CA SER B 59 -12.82 23.09 -18.83
C SER B 59 -11.63 22.71 -19.73
N GLU B 60 -11.88 22.34 -20.99
CA GLU B 60 -10.85 21.93 -21.98
C GLU B 60 -9.91 23.10 -22.27
N SER B 61 -10.42 24.33 -22.34
CA SER B 61 -9.66 25.55 -22.73
C SER B 61 -8.61 25.87 -21.66
N LEU B 62 -8.98 25.75 -20.39
CA LEU B 62 -8.09 26.06 -19.24
C LEU B 62 -7.02 24.97 -19.10
N LEU B 63 -7.39 23.73 -19.35
CA LEU B 63 -6.46 22.58 -19.31
C LEU B 63 -5.46 22.69 -20.47
N GLY B 64 -5.95 23.09 -21.64
CA GLY B 64 -5.09 23.47 -22.79
C GLY B 64 -4.08 24.54 -22.39
N ARG B 65 -4.55 25.58 -21.71
CA ARG B 65 -3.70 26.74 -21.26
C ARG B 65 -2.69 26.26 -20.21
N ALA B 66 -3.16 25.56 -19.18
CA ALA B 66 -2.34 25.16 -18.01
C ALA B 66 -1.26 24.13 -18.40
N LEU B 67 -1.50 23.30 -19.42
CA LEU B 67 -0.57 22.20 -19.81
C LEU B 67 0.31 22.61 -21.00
N ALA B 68 0.10 23.81 -21.56
CA ALA B 68 0.98 24.37 -22.60
C ALA B 68 2.41 24.37 -22.06
N GLY B 69 3.38 23.84 -22.81
CA GLY B 69 4.79 23.88 -22.39
C GLY B 69 5.26 22.57 -21.79
N THR B 70 4.43 21.93 -20.97
CA THR B 70 4.64 20.52 -20.56
C THR B 70 4.83 19.65 -21.80
N PRO B 71 5.95 18.91 -21.93
CA PRO B 71 6.18 18.01 -23.07
C PRO B 71 5.07 16.97 -23.25
N ARG B 72 4.70 16.67 -24.49
CA ARG B 72 3.50 15.86 -24.83
C ARG B 72 3.65 14.46 -24.27
N GLU B 73 4.87 13.93 -24.16
CA GLU B 73 5.14 12.52 -23.73
C GLU B 73 4.85 12.37 -22.23
N GLU B 74 4.92 13.48 -21.48
CA GLU B 74 4.73 13.49 -20.00
C GLU B 74 3.23 13.42 -19.65
N LEU B 75 2.34 13.67 -20.61
CA LEU B 75 0.89 13.87 -20.37
C LEU B 75 0.06 12.74 -20.96
N VAL B 76 -1.00 12.32 -20.24
CA VAL B 76 -2.13 11.53 -20.80
C VAL B 76 -3.40 12.39 -20.71
N LEU B 77 -3.96 12.79 -21.86
CA LEU B 77 -5.20 13.61 -21.91
C LEU B 77 -6.38 12.71 -22.25
N CYS B 78 -7.37 12.71 -21.38
CA CYS B 78 -8.66 12.01 -21.57
C CYS B 78 -9.76 13.07 -21.68
N THR B 79 -10.54 13.03 -22.76
CA THR B 79 -11.76 13.85 -22.96
C THR B 79 -12.88 12.94 -23.46
N LYS B 80 -14.12 13.40 -23.39
CA LYS B 80 -15.30 12.56 -23.67
C LYS B 80 -16.15 13.21 -24.76
N VAL B 81 -17.04 12.44 -25.35
CA VAL B 81 -18.06 12.90 -26.33
C VAL B 81 -19.34 12.12 -26.06
N GLY B 82 -20.50 12.74 -26.23
CA GLY B 82 -21.79 12.05 -26.03
C GLY B 82 -22.80 12.91 -25.31
N MET B 83 -22.37 13.78 -24.39
CA MET B 83 -23.31 14.66 -23.66
C MET B 83 -23.65 15.86 -24.53
N PRO B 84 -24.82 16.50 -24.32
CA PRO B 84 -25.23 17.64 -25.15
C PRO B 84 -24.31 18.86 -25.14
N THR B 85 -23.75 19.22 -26.31
CA THR B 85 -22.89 20.42 -26.53
C THR B 85 -23.45 21.32 -27.64
N GLY B 86 -24.60 20.95 -28.23
CA GLY B 86 -25.26 21.68 -29.32
C GLY B 86 -26.76 21.49 -29.28
N PHE B 87 -27.50 22.41 -29.88
CA PHE B 87 -28.97 22.35 -30.01
C PHE B 87 -29.32 21.26 -31.02
N GLY B 88 -30.46 20.60 -30.84
CA GLY B 88 -31.00 19.61 -31.78
C GLY B 88 -30.53 18.20 -31.45
N PRO B 89 -31.08 17.18 -32.13
CA PRO B 89 -30.80 15.78 -31.81
C PRO B 89 -29.47 15.24 -32.36
N ASN B 90 -28.77 16.05 -33.17
CA ASN B 90 -27.45 15.68 -33.75
C ASN B 90 -26.34 16.34 -32.93
N GLY B 91 -26.72 17.12 -31.91
CA GLY B 91 -25.80 17.84 -31.00
C GLY B 91 -25.50 17.05 -29.73
N ARG B 92 -25.66 15.73 -29.78
CA ARG B 92 -25.51 14.81 -28.64
C ARG B 92 -25.41 13.38 -29.20
N GLY B 93 -25.01 12.43 -28.38
CA GLY B 93 -24.97 11.00 -28.74
C GLY B 93 -23.68 10.65 -29.43
N LEU B 94 -23.61 9.45 -30.02
CA LEU B 94 -22.34 8.88 -30.56
C LEU B 94 -22.49 8.55 -32.05
N SER B 95 -23.43 9.20 -32.75
CA SER B 95 -23.48 9.19 -34.22
C SER B 95 -22.10 9.55 -34.77
N ARG B 96 -21.70 8.95 -35.89
CA ARG B 96 -20.53 9.38 -36.71
C ARG B 96 -20.53 10.91 -36.83
N LYS B 97 -21.69 11.53 -37.05
CA LYS B 97 -21.77 13.00 -37.26
C LYS B 97 -21.29 13.75 -36.01
N HIS B 98 -21.83 13.45 -34.83
CA HIS B 98 -21.55 14.23 -33.60
C HIS B 98 -20.10 13.96 -33.17
N VAL B 99 -19.64 12.71 -33.30
CA VAL B 99 -18.27 12.33 -32.87
C VAL B 99 -17.25 13.06 -33.75
N MET B 100 -17.47 13.12 -35.07
CA MET B 100 -16.53 13.76 -36.03
C MET B 100 -16.57 15.28 -35.90
N GLU B 101 -17.72 15.86 -35.59
CA GLU B 101 -17.88 17.32 -35.43
C GLU B 101 -17.36 17.76 -34.05
N SER B 102 -17.08 16.80 -33.14
CA SER B 102 -16.71 17.04 -31.72
C SER B 102 -15.19 17.05 -31.52
N VAL B 103 -14.48 16.15 -32.21
CA VAL B 103 -13.06 15.78 -31.94
C VAL B 103 -12.14 16.97 -32.28
N ASP B 104 -12.45 17.74 -33.33
CA ASP B 104 -11.57 18.86 -33.78
C ASP B 104 -11.64 20.01 -32.77
N GLY B 105 -12.83 20.33 -32.27
CA GLY B 105 -13.02 21.35 -31.23
C GLY B 105 -12.22 21.04 -29.98
N SER B 106 -12.28 19.79 -29.53
CA SER B 106 -11.49 19.24 -28.40
C SER B 106 -9.98 19.38 -28.68
N LEU B 107 -9.50 18.94 -29.86
CA LEU B 107 -8.06 19.06 -30.23
C LEU B 107 -7.63 20.53 -30.14
N ARG B 108 -8.43 21.44 -30.68
CA ARG B 108 -8.10 22.90 -30.73
C ARG B 108 -7.95 23.41 -29.29
N ARG B 109 -8.99 23.25 -28.46
CA ARG B 109 -9.07 23.79 -27.07
C ARG B 109 -7.96 23.20 -26.19
N LEU B 110 -7.59 21.93 -26.37
CA LEU B 110 -6.50 21.30 -25.58
C LEU B 110 -5.13 21.65 -26.21
N ARG B 111 -5.11 22.19 -27.42
CA ARG B 111 -3.86 22.62 -28.11
C ARG B 111 -2.94 21.42 -28.39
N VAL B 112 -3.49 20.33 -28.93
CA VAL B 112 -2.76 19.07 -29.23
C VAL B 112 -3.16 18.54 -30.61
N ASP B 113 -2.42 17.57 -31.11
CA ASP B 113 -2.62 16.91 -32.42
C ASP B 113 -3.44 15.63 -32.21
N HIS B 114 -3.33 15.04 -31.02
CA HIS B 114 -4.03 13.80 -30.66
C HIS B 114 -4.45 13.83 -29.18
N ILE B 115 -5.57 13.19 -28.89
CA ILE B 115 -6.11 12.91 -27.53
C ILE B 115 -5.65 11.50 -27.19
N ASP B 116 -5.20 11.25 -25.96
CA ASP B 116 -4.65 9.93 -25.59
C ASP B 116 -5.82 8.94 -25.47
N VAL B 117 -6.87 9.28 -24.73
CA VAL B 117 -8.07 8.41 -24.52
C VAL B 117 -9.33 9.22 -24.87
N TYR B 118 -10.09 8.74 -25.85
CA TYR B 118 -11.38 9.36 -26.27
C TYR B 118 -12.49 8.45 -25.74
N THR B 119 -13.30 8.95 -24.81
CA THR B 119 -14.31 8.14 -24.08
C THR B 119 -15.72 8.45 -24.60
N ALA B 120 -16.46 7.39 -24.92
CA ALA B 120 -17.91 7.43 -25.21
C ALA B 120 -18.67 7.65 -23.89
N HIS B 121 -19.09 8.88 -23.63
CA HIS B 121 -19.81 9.35 -22.42
C HIS B 121 -21.26 8.83 -22.44
N ARG B 122 -21.52 7.72 -21.75
CA ARG B 122 -22.87 7.07 -21.66
C ARG B 122 -23.22 6.46 -23.03
N TYR B 123 -23.86 5.30 -23.03
CA TYR B 123 -24.16 4.47 -24.22
C TYR B 123 -25.36 5.05 -24.97
N ASP B 124 -25.28 5.11 -26.30
CA ASP B 124 -26.33 5.63 -27.20
C ASP B 124 -27.01 4.45 -27.92
N PRO B 125 -28.24 4.03 -27.51
CA PRO B 125 -28.93 2.91 -28.17
C PRO B 125 -29.45 3.26 -29.56
N ALA B 126 -29.50 4.56 -29.89
CA ALA B 126 -29.92 5.09 -31.22
C ALA B 126 -28.83 4.81 -32.26
N THR B 127 -27.58 4.63 -31.85
CA THR B 127 -26.41 4.34 -32.73
C THR B 127 -26.09 2.86 -32.67
N PRO B 128 -26.01 2.15 -33.83
CA PRO B 128 -25.45 0.80 -33.87
C PRO B 128 -23.96 0.85 -33.54
N LEU B 129 -23.43 -0.21 -32.94
CA LEU B 129 -22.01 -0.24 -32.47
C LEU B 129 -21.05 -0.28 -33.66
N GLU B 130 -21.43 -0.85 -34.80
CA GLU B 130 -20.60 -0.86 -36.04
C GLU B 130 -20.32 0.58 -36.49
N GLU B 131 -21.35 1.43 -36.53
CA GLU B 131 -21.23 2.88 -36.90
C GLU B 131 -20.20 3.55 -35.99
N LEU B 132 -20.30 3.35 -34.67
CA LEU B 132 -19.46 4.02 -33.64
C LEU B 132 -18.01 3.56 -33.78
N MET B 133 -17.77 2.24 -33.73
CA MET B 133 -16.41 1.65 -33.74
C MET B 133 -15.71 1.98 -35.06
N TRP B 134 -16.43 2.10 -36.17
CA TRP B 134 -15.81 2.50 -37.46
C TRP B 134 -15.45 3.99 -37.38
N THR B 135 -16.21 4.78 -36.63
CA THR B 135 -15.90 6.21 -36.50
C THR B 135 -14.58 6.30 -35.74
N PHE B 136 -14.39 5.43 -34.75
CA PHE B 136 -13.17 5.40 -33.91
C PHE B 136 -12.00 4.89 -34.78
N SER B 137 -12.25 3.88 -35.60
CA SER B 137 -11.22 3.33 -36.52
C SER B 137 -10.64 4.47 -37.37
N ASP B 138 -11.50 5.26 -38.01
CA ASP B 138 -11.11 6.40 -38.88
C ASP B 138 -10.32 7.43 -38.07
N LEU B 139 -10.66 7.64 -36.79
CA LEU B 139 -9.95 8.64 -35.95
C LEU B 139 -8.58 8.10 -35.52
N VAL B 140 -8.48 6.81 -35.20
CA VAL B 140 -7.18 6.18 -34.87
C VAL B 140 -6.27 6.22 -36.11
N ARG B 141 -6.76 5.78 -37.26
CA ARG B 141 -6.04 5.83 -38.57
C ARG B 141 -5.53 7.25 -38.88
N ALA B 142 -6.33 8.28 -38.59
CA ALA B 142 -5.99 9.69 -38.87
C ALA B 142 -4.97 10.21 -37.87
N GLY B 143 -4.73 9.47 -36.78
CA GLY B 143 -3.82 9.87 -35.69
C GLY B 143 -4.41 10.96 -34.80
N LYS B 144 -5.74 11.07 -34.69
CA LYS B 144 -6.40 12.14 -33.91
C LYS B 144 -6.72 11.63 -32.50
N ILE B 145 -6.87 10.31 -32.36
CA ILE B 145 -7.01 9.64 -31.04
C ILE B 145 -6.13 8.39 -31.05
N LEU B 146 -5.69 7.95 -29.88
CA LEU B 146 -4.79 6.78 -29.74
C LEU B 146 -5.60 5.59 -29.22
N TYR B 147 -6.35 5.78 -28.14
CA TYR B 147 -7.06 4.69 -27.43
C TYR B 147 -8.50 5.12 -27.14
N VAL B 148 -9.38 4.15 -26.93
CA VAL B 148 -10.84 4.40 -26.76
C VAL B 148 -11.28 3.94 -25.37
N GLY B 149 -12.19 4.70 -24.79
CA GLY B 149 -12.81 4.41 -23.49
C GLY B 149 -14.33 4.52 -23.56
N MET B 150 -14.98 4.14 -22.47
CA MET B 150 -16.44 4.18 -22.28
C MET B 150 -16.72 4.57 -20.82
N SER B 151 -17.87 5.19 -20.59
CA SER B 151 -18.35 5.63 -19.25
C SER B 151 -19.84 5.30 -19.11
N GLU B 152 -20.24 4.63 -18.01
CA GLU B 152 -21.67 4.29 -17.70
C GLU B 152 -22.26 3.48 -18.85
N TRP B 153 -21.62 2.36 -19.22
CA TRP B 153 -22.06 1.46 -20.33
C TRP B 153 -22.54 0.16 -19.69
N PRO B 154 -23.56 -0.53 -20.25
CA PRO B 154 -23.84 -1.91 -19.87
C PRO B 154 -22.72 -2.87 -20.25
N VAL B 155 -22.42 -3.84 -19.37
CA VAL B 155 -21.35 -4.86 -19.55
C VAL B 155 -21.52 -5.60 -20.89
N GLU B 156 -22.75 -5.89 -21.32
CA GLU B 156 -23.07 -6.61 -22.59
C GLU B 156 -22.55 -5.79 -23.79
N ARG B 157 -22.68 -4.47 -23.74
CA ARG B 157 -22.29 -3.54 -24.83
C ARG B 157 -20.78 -3.27 -24.78
N ILE B 158 -20.18 -3.26 -23.58
CA ILE B 158 -18.70 -3.12 -23.43
C ILE B 158 -18.07 -4.30 -24.19
N ALA B 159 -18.52 -5.52 -23.90
CA ALA B 159 -17.99 -6.80 -24.46
C ALA B 159 -18.09 -6.78 -25.99
N GLU B 160 -19.24 -6.35 -26.49
CA GLU B 160 -19.55 -6.27 -27.95
C GLU B 160 -18.57 -5.29 -28.63
N ALA B 161 -18.40 -4.09 -28.07
CA ALA B 161 -17.52 -3.02 -28.58
C ALA B 161 -16.04 -3.45 -28.52
N ALA B 162 -15.63 -4.14 -27.45
CA ALA B 162 -14.26 -4.71 -27.30
C ALA B 162 -13.97 -5.72 -28.42
N GLY B 163 -15.00 -6.48 -28.84
CA GLY B 163 -14.93 -7.49 -29.90
C GLY B 163 -14.74 -6.87 -31.27
N ILE B 164 -15.48 -5.81 -31.56
CA ILE B 164 -15.40 -5.11 -32.88
C ILE B 164 -14.07 -4.35 -32.94
N GLY B 165 -13.68 -3.70 -31.84
CA GLY B 165 -12.42 -2.94 -31.73
C GLY B 165 -11.21 -3.83 -32.02
N ALA B 166 -11.16 -5.00 -31.39
CA ALA B 166 -10.12 -6.00 -31.67
C ALA B 166 -10.10 -6.30 -33.17
N ARG B 167 -11.26 -6.40 -33.82
CA ARG B 167 -11.35 -6.75 -35.26
C ARG B 167 -10.92 -5.55 -36.12
N LEU B 168 -11.13 -4.31 -35.66
CA LEU B 168 -10.88 -3.07 -36.44
C LEU B 168 -9.54 -2.43 -36.09
N GLY B 169 -8.74 -3.03 -35.19
CA GLY B 169 -7.51 -2.40 -34.68
C GLY B 169 -7.79 -1.09 -33.94
N VAL B 170 -8.91 -1.03 -33.22
CA VAL B 170 -9.25 0.10 -32.31
C VAL B 170 -8.99 -0.38 -30.89
N PRO B 171 -7.98 0.16 -30.17
CA PRO B 171 -7.66 -0.33 -28.83
C PRO B 171 -8.70 0.21 -27.83
N VAL B 172 -9.46 -0.69 -27.22
CA VAL B 172 -10.49 -0.34 -26.21
C VAL B 172 -9.95 -0.76 -24.85
N ILE B 173 -9.52 0.20 -24.02
CA ILE B 173 -8.62 -0.08 -22.85
C ILE B 173 -9.19 0.50 -21.54
N CYS B 174 -10.25 1.30 -21.59
CA CYS B 174 -10.65 2.17 -20.46
C CYS B 174 -12.16 2.08 -20.23
N HIS B 175 -12.56 1.94 -18.97
CA HIS B 175 -13.97 2.14 -18.51
C HIS B 175 -13.97 3.08 -17.31
N MET B 176 -14.91 4.00 -17.24
CA MET B 176 -15.01 4.98 -16.13
C MET B 176 -16.32 4.73 -15.38
N PRO B 177 -16.28 4.00 -14.24
CA PRO B 177 -17.45 3.85 -13.39
C PRO B 177 -17.44 4.83 -12.21
N ARG B 178 -18.60 5.03 -11.59
CA ARG B 178 -18.70 5.48 -10.18
C ARG B 178 -18.17 4.35 -9.29
N TYR B 179 -17.19 4.62 -8.44
CA TYR B 179 -16.58 3.65 -7.49
C TYR B 179 -16.06 4.35 -6.24
N SER B 180 -16.45 3.84 -5.06
CA SER B 180 -16.01 4.34 -3.72
C SER B 180 -16.31 3.31 -2.62
N MET B 181 -15.74 3.54 -1.44
CA MET B 181 -15.95 2.73 -0.20
C MET B 181 -17.44 2.52 0.01
N LEU B 182 -18.27 3.46 -0.43
CA LEU B 182 -19.74 3.44 -0.21
C LEU B 182 -20.46 2.85 -1.41
N TRP B 183 -20.01 3.13 -2.65
CA TRP B 183 -20.71 2.72 -3.90
C TRP B 183 -19.89 1.66 -4.64
N ARG B 184 -20.27 0.38 -4.55
CA ARG B 184 -19.48 -0.76 -5.08
C ARG B 184 -20.22 -1.54 -6.18
N ALA B 185 -21.29 -0.97 -6.74
CA ALA B 185 -22.06 -1.51 -7.88
C ALA B 185 -21.17 -2.22 -8.91
N PRO B 186 -20.05 -1.63 -9.39
CA PRO B 186 -19.25 -2.28 -10.42
C PRO B 186 -18.45 -3.53 -10.03
N GLU B 187 -18.37 -3.89 -8.75
CA GLU B 187 -17.60 -5.09 -8.30
C GLU B 187 -18.31 -6.38 -8.77
N ALA B 188 -19.64 -6.34 -8.86
CA ALA B 188 -20.52 -7.47 -9.23
C ALA B 188 -20.15 -8.04 -10.60
N GLU B 189 -20.28 -7.23 -11.67
CA GLU B 189 -20.13 -7.67 -13.08
C GLU B 189 -19.08 -6.84 -13.84
N VAL B 190 -19.20 -5.51 -13.79
CA VAL B 190 -18.46 -4.57 -14.68
C VAL B 190 -16.95 -4.80 -14.57
N ILE B 191 -16.39 -4.83 -13.36
CA ILE B 191 -14.90 -4.90 -13.19
C ILE B 191 -14.43 -6.29 -13.63
N PRO B 192 -15.01 -7.40 -13.12
CA PRO B 192 -14.60 -8.74 -13.57
C PRO B 192 -14.64 -8.92 -15.10
N ALA B 193 -15.73 -8.48 -15.75
CA ALA B 193 -15.90 -8.52 -17.22
C ALA B 193 -14.76 -7.74 -17.88
N CYS B 194 -14.53 -6.50 -17.42
CA CYS B 194 -13.50 -5.56 -17.96
C CYS B 194 -12.09 -6.14 -17.83
N ARG B 195 -11.81 -6.91 -16.77
CA ARG B 195 -10.48 -7.55 -16.57
C ARG B 195 -10.27 -8.65 -17.62
N ASP B 196 -11.32 -9.45 -17.90
CA ASP B 196 -11.28 -10.51 -18.93
C ASP B 196 -11.13 -9.90 -20.33
N LEU B 197 -11.61 -8.68 -20.55
CA LEU B 197 -11.57 -8.01 -21.87
C LEU B 197 -10.33 -7.12 -22.00
N GLY B 198 -9.48 -7.06 -20.97
CA GLY B 198 -8.27 -6.21 -20.97
C GLY B 198 -8.59 -4.73 -20.87
N ILE B 199 -9.56 -4.37 -20.05
CA ILE B 199 -9.96 -2.95 -19.81
C ILE B 199 -9.66 -2.61 -18.34
N GLY B 200 -9.10 -1.41 -18.09
CA GLY B 200 -8.82 -0.88 -16.76
C GLY B 200 -9.82 0.19 -16.38
N GLN B 201 -10.10 0.36 -15.08
CA GLN B 201 -11.08 1.37 -14.58
C GLN B 201 -10.33 2.63 -14.17
N ILE B 202 -10.85 3.79 -14.59
CA ILE B 202 -10.50 5.13 -14.03
C ILE B 202 -11.77 5.65 -13.35
N CYS B 203 -11.74 5.81 -12.03
CA CYS B 203 -12.94 5.90 -11.15
C CYS B 203 -13.32 7.34 -10.83
N TYR B 204 -14.62 7.62 -10.76
CA TYR B 204 -15.14 8.97 -10.45
C TYR B 204 -16.05 8.88 -9.21
N PHE B 205 -16.17 9.98 -8.48
CA PHE B 205 -16.89 10.11 -7.19
C PHE B 205 -16.31 9.17 -6.12
N THR B 206 -14.98 9.09 -6.02
CA THR B 206 -14.24 8.24 -5.05
C THR B 206 -14.28 8.88 -3.66
N LEU B 207 -14.60 10.17 -3.57
CA LEU B 207 -14.88 10.89 -2.29
C LEU B 207 -16.38 11.22 -2.18
N GLU B 208 -17.24 10.51 -2.93
CA GLU B 208 -18.70 10.77 -2.99
C GLU B 208 -18.95 12.25 -2.72
N GLN B 209 -18.35 13.12 -3.54
CA GLN B 209 -18.56 14.60 -3.58
C GLN B 209 -18.30 15.24 -2.20
N GLY B 210 -17.39 14.69 -1.39
CA GLY B 210 -16.97 15.31 -0.11
C GLY B 210 -17.44 14.55 1.11
N VAL B 211 -18.50 13.74 1.00
CA VAL B 211 -19.03 12.87 2.09
C VAL B 211 -17.87 12.07 2.70
N LEU B 212 -16.91 11.60 1.90
CA LEU B 212 -15.84 10.69 2.37
C LEU B 212 -14.56 11.47 2.73
N THR B 213 -14.66 12.78 2.95
CA THR B 213 -13.59 13.59 3.61
C THR B 213 -13.94 13.73 5.09
N GLY B 214 -15.25 13.70 5.41
CA GLY B 214 -15.80 13.73 6.79
C GLY B 214 -16.14 15.13 7.26
N LYS B 215 -17.16 15.77 6.68
CA LYS B 215 -17.57 17.17 6.97
C LYS B 215 -19.01 17.19 7.51
N ALA B 236 -23.98 17.95 -8.15
CA ALA B 236 -25.24 17.18 -8.28
C ALA B 236 -25.87 16.96 -6.91
N PRO B 237 -27.21 16.71 -6.84
CA PRO B 237 -27.89 16.33 -5.60
C PRO B 237 -27.94 14.80 -5.52
N LEU B 238 -26.77 14.19 -5.69
CA LEU B 238 -26.49 12.74 -5.65
C LEU B 238 -25.87 12.42 -4.28
N MET B 239 -25.23 13.43 -3.68
CA MET B 239 -24.70 13.41 -2.29
C MET B 239 -25.84 13.69 -1.30
N ARG B 240 -26.99 14.14 -1.80
CA ARG B 240 -28.24 14.28 -1.01
C ARG B 240 -28.79 12.88 -0.71
N ARG B 241 -28.54 11.91 -1.59
CA ARG B 241 -28.93 10.48 -1.38
C ARG B 241 -28.18 9.90 -0.17
N TRP B 242 -27.07 10.50 0.23
CA TRP B 242 -26.30 10.12 1.45
C TRP B 242 -26.80 10.88 2.69
N LEU B 243 -27.84 11.70 2.56
CA LEU B 243 -28.53 12.32 3.73
C LEU B 243 -29.87 11.60 3.98
N ASP B 244 -30.38 10.89 2.98
CA ASP B 244 -31.57 9.98 3.07
C ASP B 244 -31.25 8.78 3.96
N ASP B 245 -29.97 8.43 4.08
CA ASP B 245 -29.44 7.49 5.10
C ASP B 245 -29.18 8.28 6.39
N ASP B 246 -29.90 7.96 7.48
CA ASP B 246 -29.81 8.67 8.78
C ASP B 246 -28.51 8.29 9.50
N LYS B 247 -27.83 7.23 9.06
CA LYS B 247 -26.69 6.57 9.78
C LYS B 247 -25.34 6.80 9.09
N VAL B 248 -25.32 7.28 7.84
CA VAL B 248 -24.10 7.21 6.99
C VAL B 248 -23.06 8.20 7.52
N LEU B 249 -23.44 9.42 7.85
CA LEU B 249 -22.49 10.50 8.23
C LEU B 249 -21.76 10.14 9.53
N GLY B 250 -22.45 9.47 10.45
CA GLY B 250 -21.89 8.90 11.69
C GLY B 250 -20.88 7.81 11.39
N ARG B 251 -21.17 6.94 10.42
CA ARG B 251 -20.31 5.80 10.03
C ARG B 251 -19.01 6.34 9.39
N VAL B 252 -19.11 7.42 8.62
CA VAL B 252 -17.94 8.05 7.95
C VAL B 252 -17.07 8.77 9.01
N GLU B 253 -17.65 9.32 10.07
CA GLU B 253 -16.89 9.93 11.19
C GLU B 253 -15.98 8.87 11.82
N ARG B 254 -16.45 7.62 11.87
CA ARG B 254 -15.76 6.51 12.56
C ARG B 254 -14.65 5.95 11.66
N LEU B 255 -14.52 6.45 10.43
CA LEU B 255 -13.36 6.15 9.56
C LEU B 255 -12.13 6.91 10.04
N ARG B 256 -12.29 8.09 10.65
CA ARG B 256 -11.19 8.99 11.09
C ARG B 256 -10.15 8.21 11.90
N PRO B 257 -10.49 7.53 13.02
CA PRO B 257 -9.50 6.74 13.75
C PRO B 257 -8.77 5.67 12.94
N LEU B 258 -9.44 5.12 11.90
CA LEU B 258 -8.85 4.07 11.01
C LEU B 258 -7.73 4.71 10.18
N ALA B 259 -8.02 5.88 9.63
CA ALA B 259 -7.12 6.67 8.76
C ALA B 259 -5.88 7.07 9.55
N GLU B 260 -6.05 7.74 10.69
CA GLU B 260 -4.95 8.20 11.58
C GLU B 260 -4.03 7.02 11.92
N GLU B 261 -4.59 5.86 12.26
CA GLU B 261 -3.83 4.61 12.55
C GLU B 261 -2.95 4.24 11.35
N ALA B 262 -3.42 4.47 10.11
CA ALA B 262 -2.69 4.16 8.86
C ALA B 262 -1.78 5.33 8.45
N GLY B 263 -1.96 6.51 9.06
CA GLY B 263 -1.11 7.70 8.84
C GLY B 263 -1.66 8.61 7.76
N LEU B 264 -2.97 8.61 7.57
CA LEU B 264 -3.67 9.21 6.39
C LEU B 264 -4.82 10.11 6.85
N THR B 265 -5.20 11.09 6.03
CA THR B 265 -6.50 11.79 6.14
C THR B 265 -7.60 10.82 5.66
N THR B 266 -8.87 11.10 5.95
CA THR B 266 -10.01 10.25 5.50
C THR B 266 -10.03 10.19 3.98
N ALA B 267 -9.83 11.34 3.32
CA ALA B 267 -9.76 11.47 1.85
C ALA B 267 -8.67 10.52 1.31
N GLN B 268 -7.49 10.49 1.93
CA GLN B 268 -6.36 9.62 1.52
C GLN B 268 -6.75 8.14 1.67
N LEU B 269 -7.38 7.76 2.78
CA LEU B 269 -7.89 6.38 3.00
C LEU B 269 -8.88 6.01 1.89
N ALA B 270 -9.83 6.90 1.62
CA ALA B 270 -10.89 6.72 0.59
C ALA B 270 -10.26 6.45 -0.78
N LEU B 271 -9.31 7.30 -1.20
CA LEU B 271 -8.65 7.21 -2.52
C LEU B 271 -7.82 5.94 -2.57
N ALA B 272 -7.09 5.66 -1.49
CA ALA B 272 -6.21 4.48 -1.37
C ALA B 272 -7.09 3.22 -1.40
N TRP B 273 -8.32 3.32 -0.90
CA TRP B 273 -9.25 2.16 -0.86
C TRP B 273 -9.54 1.69 -2.29
N VAL B 274 -9.96 2.61 -3.17
CA VAL B 274 -10.27 2.36 -4.60
C VAL B 274 -9.05 1.72 -5.28
N LEU B 275 -7.86 2.23 -4.98
CA LEU B 275 -6.60 1.82 -5.65
C LEU B 275 -6.17 0.40 -5.21
N GLN B 276 -6.73 -0.15 -4.12
CA GLN B 276 -6.41 -1.54 -3.70
C GLN B 276 -7.00 -2.53 -4.70
N ASN B 277 -8.01 -2.13 -5.49
CA ASN B 277 -8.66 -3.03 -6.49
C ASN B 277 -7.70 -3.24 -7.65
N PRO B 278 -7.32 -4.50 -7.98
CA PRO B 278 -6.37 -4.74 -9.07
C PRO B 278 -6.91 -4.37 -10.47
N GLY B 279 -8.24 -4.36 -10.64
CA GLY B 279 -8.91 -3.94 -11.88
C GLY B 279 -8.89 -2.43 -12.08
N VAL B 280 -8.43 -1.66 -11.09
CA VAL B 280 -8.37 -0.17 -11.17
C VAL B 280 -7.00 0.28 -11.68
N SER B 281 -7.00 1.24 -12.63
CA SER B 281 -5.77 1.85 -13.19
C SER B 281 -5.53 3.20 -12.51
N GLY B 282 -6.58 3.95 -12.21
CA GLY B 282 -6.46 5.30 -11.60
C GLY B 282 -7.74 5.75 -10.90
N ALA B 283 -7.61 6.77 -10.05
CA ALA B 283 -8.73 7.39 -9.32
C ALA B 283 -8.72 8.90 -9.62
N VAL B 284 -9.86 9.43 -10.04
CA VAL B 284 -10.04 10.88 -10.36
C VAL B 284 -10.27 11.66 -9.06
N ILE B 285 -9.58 12.79 -8.90
CA ILE B 285 -9.79 13.81 -7.83
C ILE B 285 -10.17 15.14 -8.49
N GLY B 286 -10.94 15.99 -7.81
CA GLY B 286 -11.57 17.18 -8.42
C GLY B 286 -11.15 18.51 -7.81
N SER B 287 -10.61 18.51 -6.59
CA SER B 287 -10.39 19.70 -5.73
C SER B 287 -10.00 20.96 -6.54
N PHE B 288 -10.48 22.12 -6.10
CA PHE B 288 -9.98 23.47 -6.51
C PHE B 288 -9.23 24.14 -5.37
N ASN B 289 -8.47 23.37 -4.60
CA ASN B 289 -7.62 23.89 -3.50
C ASN B 289 -6.23 23.24 -3.63
N ALA B 290 -5.18 24.04 -3.79
CA ALA B 290 -3.79 23.58 -3.99
C ALA B 290 -3.39 22.55 -2.94
N GLU B 291 -3.64 22.82 -1.65
CA GLU B 291 -3.17 21.97 -0.53
C GLU B 291 -3.91 20.63 -0.57
N GLN B 292 -5.21 20.64 -0.93
CA GLN B 292 -6.06 19.41 -0.99
C GLN B 292 -5.53 18.50 -2.11
N VAL B 293 -5.29 19.06 -3.29
CA VAL B 293 -4.69 18.35 -4.47
C VAL B 293 -3.37 17.70 -4.05
N LEU B 294 -2.44 18.48 -3.49
CA LEU B 294 -1.10 17.94 -3.12
C LEU B 294 -1.26 16.79 -2.12
N ALA B 295 -2.17 16.94 -1.15
CA ALA B 295 -2.38 15.97 -0.05
C ALA B 295 -3.05 14.69 -0.58
N ASN B 296 -4.07 14.83 -1.43
CA ASN B 296 -4.86 13.69 -1.99
C ASN B 296 -3.99 12.86 -2.92
N ALA B 297 -3.11 13.52 -3.70
CA ALA B 297 -2.20 12.87 -4.66
C ALA B 297 -1.18 11.98 -3.95
N GLU B 298 -1.00 12.12 -2.62
CA GLU B 298 -0.06 11.29 -1.84
C GLU B 298 -0.68 9.91 -1.51
N SER B 299 -1.97 9.72 -1.79
CA SER B 299 -2.67 8.40 -1.69
C SER B 299 -2.05 7.35 -2.61
N ALA B 300 -1.40 7.78 -3.68
CA ALA B 300 -0.75 6.90 -4.68
C ALA B 300 0.32 6.06 -3.98
N GLY B 301 0.35 4.76 -4.29
CA GLY B 301 1.37 3.83 -3.77
C GLY B 301 0.98 3.20 -2.44
N VAL B 302 0.08 3.82 -1.67
CA VAL B 302 -0.33 3.36 -0.31
C VAL B 302 -0.96 1.96 -0.40
N ARG B 303 -0.46 0.98 0.35
CA ARG B 303 -1.14 -0.33 0.56
C ARG B 303 -1.94 -0.26 1.87
N LEU B 304 -3.10 -0.89 1.90
CA LEU B 304 -3.95 -0.96 3.11
C LEU B 304 -3.98 -2.42 3.55
N GLU B 305 -3.53 -2.69 4.77
CA GLU B 305 -3.43 -4.08 5.31
C GLU B 305 -4.83 -4.68 5.43
N THR B 306 -4.92 -6.01 5.40
CA THR B 306 -6.19 -6.78 5.34
C THR B 306 -7.11 -6.47 6.53
N ASP B 307 -6.54 -6.29 7.73
CA ASP B 307 -7.30 -6.02 8.99
C ASP B 307 -8.06 -4.70 8.81
N LEU B 308 -7.44 -3.72 8.18
CA LEU B 308 -7.97 -2.34 7.99
C LEU B 308 -9.09 -2.38 6.93
N LEU B 309 -8.93 -3.16 5.85
CA LEU B 309 -10.00 -3.38 4.84
C LEU B 309 -11.21 -4.04 5.50
N VAL B 310 -10.97 -4.94 6.48
CA VAL B 310 -12.06 -5.67 7.19
C VAL B 310 -12.78 -4.68 8.11
N ARG B 311 -12.03 -3.82 8.78
CA ARG B 311 -12.58 -2.84 9.76
C ARG B 311 -13.45 -1.80 9.02
N ILE B 312 -13.06 -1.44 7.79
CA ILE B 312 -13.80 -0.43 6.98
C ILE B 312 -15.21 -0.96 6.66
N ASP B 313 -15.31 -2.23 6.25
CA ASP B 313 -16.61 -2.87 5.93
C ASP B 313 -17.51 -2.88 7.16
N GLU B 314 -16.96 -3.26 8.32
CA GLU B 314 -17.67 -3.35 9.62
C GLU B 314 -18.23 -1.98 10.02
N VAL B 315 -17.43 -0.91 9.89
CA VAL B 315 -17.82 0.47 10.28
C VAL B 315 -18.96 0.97 9.39
N LEU B 316 -18.83 0.85 8.05
CA LEU B 316 -19.82 1.35 7.05
C LEU B 316 -21.05 0.43 6.98
N GLY B 317 -20.89 -0.87 7.24
CA GLY B 317 -21.97 -1.87 7.22
C GLY B 317 -22.89 -1.72 6.01
N ASP B 318 -24.20 -1.55 6.26
CA ASP B 318 -25.26 -1.60 5.22
C ASP B 318 -25.51 -0.22 4.59
N SER B 319 -24.78 0.81 4.99
CA SER B 319 -24.71 2.11 4.26
C SER B 319 -24.10 1.90 2.87
N VAL B 320 -23.29 0.82 2.71
CA VAL B 320 -22.63 0.42 1.43
C VAL B 320 -23.71 -0.05 0.45
N VAL B 321 -23.58 0.35 -0.81
CA VAL B 321 -24.42 -0.06 -1.97
C VAL B 321 -23.62 -1.06 -2.81
N HIS B 322 -24.10 -2.30 -2.93
CA HIS B 322 -23.52 -3.39 -3.78
C HIS B 322 -24.31 -3.59 -5.08
N ASP B 323 -25.64 -3.43 -5.04
CA ASP B 323 -26.61 -3.72 -6.15
C ASP B 323 -27.56 -2.54 -6.32
N GLU B 324 -27.43 -1.75 -7.39
CA GLU B 324 -28.22 -0.50 -7.57
C GLU B 324 -29.69 -0.83 -7.88
N GLU B 325 -30.00 -2.05 -8.33
CA GLU B 325 -31.39 -2.53 -8.55
C GLU B 325 -32.07 -2.84 -7.20
C1 PEG C . -1.97 -13.59 10.47
C2 PEG C . -0.78 -12.78 10.09
O2 PEG C . -0.81 -11.53 10.78
C3 PEG C . -1.41 -10.47 10.05
C4 PEG C . -0.39 -9.85 9.14
O4 PEG C . 0.19 -8.67 9.68
PA NAP D . 12.23 -11.64 5.18
O1A NAP D . 12.72 -10.40 4.47
O2A NAP D . 12.90 -12.11 6.46
O5B NAP D . 12.15 -12.85 4.13
C5B NAP D . 12.49 -14.19 4.46
C4B NAP D . 12.22 -15.09 3.26
O4B NAP D . 13.22 -14.90 2.23
C3B NAP D . 12.24 -16.58 3.57
O3B NAP D . 11.01 -17.09 4.06
C2B NAP D . 12.62 -17.21 2.25
O2B NAP D . 11.45 -17.40 1.44
C1B NAP D . 13.61 -16.18 1.70
N9A NAP D . 15.02 -16.49 2.12
C8A NAP D . 15.63 -16.11 3.28
N7A NAP D . 16.91 -16.56 3.33
C5A NAP D . 17.14 -17.24 2.20
C6A NAP D . 18.30 -17.96 1.61
N6A NAP D . 19.47 -18.06 2.27
N1A NAP D . 18.14 -18.53 0.39
C2A NAP D . 16.98 -18.44 -0.30
N3A NAP D . 15.88 -17.81 0.17
C4A NAP D . 15.91 -17.20 1.39
O3 NAP D . 10.68 -11.27 5.52
PN NAP D . 9.58 -12.23 6.23
O1N NAP D . 9.77 -13.67 5.85
O2N NAP D . 8.26 -11.54 5.98
O5D NAP D . 9.92 -12.34 7.79
C5D NAP D . 9.98 -11.13 8.51
C4D NAP D . 9.77 -11.47 9.97
O4D NAP D . 9.72 -10.22 10.66
C3D NAP D . 8.49 -12.25 10.26
O3D NAP D . 8.72 -13.64 10.48
C2D NAP D . 7.96 -11.56 11.51
O2D NAP D . 8.32 -12.28 12.71
C1D NAP D . 8.60 -10.17 11.50
N1N NAP D . 7.67 -9.14 11.03
C2N NAP D . 7.37 -8.16 11.91
C3N NAP D . 6.48 -7.15 11.58
C7N NAP D . 6.18 -6.07 12.59
O7N NAP D . 5.20 -5.38 12.39
N7N NAP D . 6.96 -5.87 13.67
C4N NAP D . 5.88 -7.16 10.32
C5N NAP D . 6.18 -8.19 9.43
C6N NAP D . 7.08 -9.18 9.81
P2B NAP D . 11.32 -18.47 0.22
O1X NAP D . 11.31 -17.49 -0.95
O2X NAP D . 12.55 -19.37 0.31
O3X NAP D . 10.02 -19.21 0.48
C1 GOL E . -2.11 -7.18 37.69
O1 GOL E . -2.13 -6.14 36.72
C2 GOL E . -2.13 -8.56 37.05
O2 GOL E . -2.21 -9.55 38.08
C3 GOL E . -3.26 -8.74 36.07
O3 GOL E . -2.81 -9.05 34.75
PA NAP F . -15.13 13.78 -5.83
O1A NAP F . -15.97 12.75 -5.13
O2A NAP F . -13.69 13.45 -6.17
O5B NAP F . -15.21 15.11 -4.94
C5B NAP F . -14.12 16.01 -4.72
C4B NAP F . -14.73 17.14 -3.93
O4B NAP F . -14.61 16.86 -2.52
C3B NAP F . -14.10 18.49 -4.19
O3B NAP F . -14.94 19.25 -5.06
C2B NAP F . -13.93 19.12 -2.81
O2B NAP F . -14.97 20.08 -2.59
C1B NAP F . -14.00 17.96 -1.83
N9A NAP F . -12.65 17.53 -1.35
C8A NAP F . -11.73 16.87 -2.10
N7A NAP F . -10.60 16.62 -1.39
C5A NAP F . -10.80 17.13 -0.15
C6A NAP F . -10.00 17.20 1.10
N6A NAP F . -8.75 16.66 1.13
N1A NAP F . -10.56 17.81 2.18
C2A NAP F . -11.81 18.35 2.14
N3A NAP F . -12.59 18.32 1.03
C4A NAP F . -12.15 17.73 -0.13
O3 NAP F . -16.01 14.19 -7.13
PN NAP F . -16.05 15.58 -7.99
O1N NAP F . -15.37 16.73 -7.29
O2N NAP F . -17.49 15.76 -8.46
O5D NAP F . -15.13 15.21 -9.27
C5D NAP F . -15.11 13.86 -9.77
C4D NAP F . -14.56 13.81 -11.19
O4D NAP F . -15.08 12.66 -11.89
C3D NAP F . -14.90 15.03 -12.05
O3D NAP F . -13.96 16.10 -11.88
C2D NAP F . -14.94 14.43 -13.45
O2D NAP F . -13.70 14.58 -14.18
C1D NAP F . -15.31 12.94 -13.27
N1N NAP F . -16.70 12.68 -13.72
C2N NAP F . -16.92 11.73 -14.66
C3N NAP F . -18.22 11.46 -15.13
C7N NAP F . -18.44 10.40 -16.16
O7N NAP F . -19.60 10.19 -16.51
N7N NAP F . -17.42 9.69 -16.65
C4N NAP F . -19.31 12.17 -14.63
C5N NAP F . -19.07 13.15 -13.67
C6N NAP F . -17.75 13.37 -13.23
P2B NAP F . -14.99 21.16 -1.38
O1X NAP F . -13.58 21.71 -1.29
O2X NAP F . -16.03 22.15 -1.85
O3X NAP F . -15.41 20.32 -0.18
C1 GOL G . 0.36 9.65 -37.49
O1 GOL G . 1.48 10.55 -37.45
C2 GOL G . -0.28 9.57 -38.86
O2 GOL G . -1.33 8.60 -38.84
C3 GOL G . -0.81 10.91 -39.33
O3 GOL G . -1.66 10.75 -40.46
#